data_7UVI
#
_entry.id   7UVI
#
_cell.length_a   91.020
_cell.length_b   100.780
_cell.length_c   425.750
_cell.angle_alpha   90.000
_cell.angle_beta   90.000
_cell.angle_gamma   90.000
#
_symmetry.space_group_name_H-M   'I 2 2 2'
#
loop_
_entity.id
_entity.type
_entity.pdbx_description
1 polymer 'RUPA-55 Fab heavy chain'
2 polymer 'RUPA-55 Fab light chain'
3 polymer 'Gametocyte surface protein P230'
#
loop_
_entity_poly.entity_id
_entity_poly.type
_entity_poly.pdbx_seq_one_letter_code
_entity_poly.pdbx_strand_id
1 'polypeptide(L)'
;DVQLVESGGGLVKPGGSLRLSCAASGFTFNSYTMNWVRQAPGKGLEWVSSISTNIRYIYYADSVKGRFTISRDNAKNSLF
LQMDSLRAEDTAVYYCATIAGPLSLKGDFFFDSWGQGTLVTVSPASTKGPSVFPLAPSSKSTSGGTAALGCLVKDYFPEP
VTVSWNSGALTSGVHTFPAVLQSSGLYSLSSVVTVPSSSLGTQTYICNVNHKPSNTKVDKKVEPKSC
;
A,D
2 'polypeptide(L)'
;EIVMTQSPATLSVSPGERATLSCRASQSVSSSLAWYQQKPGQAPRLLIHGASTRATGIPTRFSGSGSGTEFTLTISSLQS
EDFAVYYCQQYANWPPWTFGQGTKVESKRTVAAPSVFIFPPSDEQLKSGTASVVCLLNNFYPREAKVQWKVDNALQSGNS
QESVTEQDSKDSTYSLSSTLTLSKADYEKHKVYACEVTHQGLSSPVTKSFNRGEC
;
B,E
3 'polypeptide(L)'
;VGVDELDKIDLSYETTESGDTAVSEDSYDKYASQNTNKEYVCDFTDQLKPTESGPKVKKCEVKVNEPLIKVKIICPLKGS
VEKLYDNIEYVPKKSPYVVLTKEETKLKEKLLSKLIYGLLISPTVNEKENNFKEGVIEFTLPPVVHKATVFYFICDNSKT
EDDNKKGNRGIVEVYVEPYGGSLKENLYFQGWSHPQFEK
;
C,F
#
# COMPACT_ATOMS: atom_id res chain seq x y z
N ASP A 1 -42.14 22.10 9.91
CA ASP A 1 -41.59 21.14 10.87
C ASP A 1 -42.53 19.94 11.05
N VAL A 2 -42.93 19.33 9.93
CA VAL A 2 -43.76 18.13 9.96
C VAL A 2 -42.85 16.91 10.12
N GLN A 3 -43.12 16.11 11.16
CA GLN A 3 -42.22 15.00 11.50
C GLN A 3 -43.01 13.70 11.63
N LEU A 4 -42.47 12.63 11.03
CA LEU A 4 -43.04 11.29 11.07
C LEU A 4 -41.93 10.30 11.41
N VAL A 5 -41.86 9.86 12.67
CA VAL A 5 -40.79 8.98 13.14
C VAL A 5 -41.33 7.56 13.20
N GLU A 6 -40.82 6.71 12.31
CA GLU A 6 -41.10 5.27 12.37
C GLU A 6 -40.21 4.57 13.39
N SER A 7 -40.72 3.46 13.93
CA SER A 7 -40.00 2.64 14.88
C SER A 7 -40.52 1.22 14.79
N GLY A 8 -39.74 0.27 15.31
CA GLY A 8 -40.16 -1.10 15.44
C GLY A 8 -39.61 -2.10 14.43
N GLY A 9 -38.77 -1.67 13.50
CA GLY A 9 -38.25 -2.58 12.50
C GLY A 9 -37.16 -3.49 13.04
N GLY A 10 -36.81 -4.47 12.24
CA GLY A 10 -35.76 -5.41 12.61
C GLY A 10 -35.86 -6.71 11.85
N LEU A 11 -35.12 -7.70 12.35
CA LEU A 11 -35.04 -9.03 11.76
C LEU A 11 -36.01 -9.96 12.46
N VAL A 12 -36.82 -10.69 11.68
CA VAL A 12 -37.73 -11.70 12.21
C VAL A 12 -37.61 -12.93 11.32
N LYS A 13 -37.65 -14.12 11.92
CA LYS A 13 -37.69 -15.36 11.15
C LYS A 13 -39.07 -15.50 10.51
N PRO A 14 -39.18 -16.29 9.43
CA PRO A 14 -40.49 -16.44 8.76
C PRO A 14 -41.53 -17.10 9.65
N GLY A 15 -42.75 -16.55 9.60
CA GLY A 15 -43.84 -16.95 10.44
C GLY A 15 -44.02 -16.11 11.69
N GLY A 16 -43.01 -15.34 12.08
CA GLY A 16 -43.07 -14.53 13.28
C GLY A 16 -43.84 -13.23 13.05
N SER A 17 -43.78 -12.36 14.06
CA SER A 17 -44.58 -11.16 14.06
C SER A 17 -43.75 -9.98 14.55
N LEU A 18 -44.25 -8.78 14.28
CA LEU A 18 -43.56 -7.52 14.55
C LEU A 18 -44.62 -6.42 14.58
N ARG A 19 -44.30 -5.32 15.26
CA ARG A 19 -45.24 -4.21 15.36
C ARG A 19 -44.51 -2.90 15.09
N LEU A 20 -44.85 -2.24 13.98
CA LEU A 20 -44.26 -0.96 13.64
C LEU A 20 -45.14 0.17 14.16
N SER A 21 -44.49 1.24 14.60
CA SER A 21 -45.20 2.42 15.08
C SER A 21 -44.69 3.64 14.33
N CYS A 22 -45.52 4.68 14.30
CA CYS A 22 -45.20 5.94 13.63
C CYS A 22 -45.74 7.06 14.51
N ALA A 23 -44.82 7.78 15.16
CA ALA A 23 -45.15 8.94 15.97
C ALA A 23 -45.05 10.21 15.13
N ALA A 24 -46.12 10.98 15.09
CA ALA A 24 -46.22 12.13 14.21
C ALA A 24 -46.31 13.42 15.03
N SER A 25 -45.83 14.51 14.44
CA SER A 25 -45.90 15.82 15.07
C SER A 25 -45.89 16.90 13.99
N GLY A 26 -46.46 18.05 14.32
CA GLY A 26 -46.45 19.20 13.45
C GLY A 26 -47.72 19.46 12.68
N PHE A 27 -48.79 18.70 12.90
CA PHE A 27 -50.03 18.89 12.18
C PHE A 27 -51.18 18.30 12.99
N THR A 28 -52.40 18.70 12.63
CA THR A 28 -53.62 18.21 13.30
C THR A 28 -53.87 16.79 12.83
N PHE A 29 -53.57 15.83 13.71
CA PHE A 29 -53.44 14.43 13.33
C PHE A 29 -54.78 13.79 12.94
N ASN A 30 -55.90 14.24 13.53
CA ASN A 30 -57.17 13.54 13.36
C ASN A 30 -57.83 13.80 12.01
N SER A 31 -57.31 14.72 11.19
CA SER A 31 -57.88 15.02 9.88
C SER A 31 -57.01 14.52 8.74
N TYR A 32 -56.26 13.43 8.95
CA TYR A 32 -55.37 12.89 7.94
C TYR A 32 -55.50 11.38 7.87
N THR A 33 -55.66 10.86 6.65
CA THR A 33 -55.62 9.42 6.41
C THR A 33 -54.17 8.92 6.49
N MET A 34 -53.94 7.92 7.32
CA MET A 34 -52.58 7.41 7.51
C MET A 34 -52.36 6.13 6.72
N ASN A 35 -51.13 5.96 6.22
CA ASN A 35 -50.83 4.91 5.25
C ASN A 35 -49.46 4.31 5.53
N TRP A 36 -49.31 3.03 5.16
CA TRP A 36 -48.03 2.35 5.11
C TRP A 36 -47.75 1.92 3.69
N VAL A 37 -46.53 2.24 3.21
CA VAL A 37 -46.04 1.88 1.87
C VAL A 37 -44.66 1.24 2.04
N ARG A 38 -44.43 0.10 1.38
CA ARG A 38 -43.14 -0.58 1.53
C ARG A 38 -42.34 -0.54 0.23
N GLN A 39 -41.02 -0.70 0.37
CA GLN A 39 -40.10 -0.70 -0.75
C GLN A 39 -39.07 -1.81 -0.56
N ALA A 40 -39.10 -2.80 -1.44
CA ALA A 40 -38.07 -3.84 -1.44
C ALA A 40 -36.74 -3.25 -1.88
N PRO A 41 -35.62 -3.83 -1.47
CA PRO A 41 -34.30 -3.31 -1.91
C PRO A 41 -34.11 -3.47 -3.40
N GLY A 42 -33.94 -2.33 -4.09
CA GLY A 42 -33.75 -2.32 -5.52
C GLY A 42 -35.01 -2.19 -6.33
N LYS A 43 -36.18 -2.30 -5.70
CA LYS A 43 -37.43 -2.38 -6.42
C LYS A 43 -38.28 -1.14 -6.14
N GLY A 44 -39.51 -1.13 -6.65
CA GLY A 44 -40.34 0.05 -6.63
C GLY A 44 -41.21 0.15 -5.40
N LEU A 45 -42.05 1.18 -5.41
CA LEU A 45 -42.96 1.44 -4.30
C LEU A 45 -44.19 0.55 -4.39
N GLU A 46 -44.59 -0.01 -3.24
CA GLU A 46 -45.78 -0.83 -3.13
C GLU A 46 -46.57 -0.41 -1.90
N TRP A 47 -47.81 0.00 -2.10
CA TRP A 47 -48.70 0.36 -1.00
C TRP A 47 -49.19 -0.90 -0.31
N VAL A 48 -49.16 -0.91 1.02
CA VAL A 48 -49.63 -2.06 1.79
C VAL A 48 -50.92 -1.75 2.55
N SER A 49 -50.98 -0.63 3.28
CA SER A 49 -52.18 -0.46 4.10
C SER A 49 -52.53 1.01 4.28
N SER A 50 -53.79 1.24 4.69
CA SER A 50 -54.31 2.59 4.86
C SER A 50 -55.50 2.58 5.82
N ILE A 51 -55.61 3.67 6.59
CA ILE A 51 -56.71 3.88 7.53
C ILE A 51 -57.16 5.33 7.45
N SER A 52 -58.48 5.53 7.34
CA SER A 52 -59.05 6.86 7.15
C SER A 52 -59.09 7.63 8.48
N THR A 53 -59.60 8.87 8.40
CA THR A 53 -59.82 9.66 9.61
C THR A 53 -60.97 9.09 10.42
N ASN A 54 -61.99 8.57 9.75
CA ASN A 54 -62.98 7.72 10.38
C ASN A 54 -62.43 6.30 10.43
N ILE A 55 -62.30 5.73 11.62
CA ILE A 55 -61.66 4.43 11.71
C ILE A 55 -62.77 3.39 11.46
N ARG A 56 -63.17 3.32 10.20
CA ARG A 56 -64.06 2.29 9.65
C ARG A 56 -63.59 1.78 8.30
N TYR A 57 -62.96 2.62 7.49
CA TYR A 57 -62.58 2.29 6.13
C TYR A 57 -61.07 2.02 6.16
N ILE A 58 -60.71 0.76 6.37
CA ILE A 58 -59.32 0.33 6.37
C ILE A 58 -59.11 -0.52 5.13
N TYR A 59 -57.97 -0.32 4.46
CA TYR A 59 -57.70 -0.99 3.21
C TYR A 59 -56.32 -1.61 3.24
N TYR A 60 -56.23 -2.84 2.73
CA TYR A 60 -54.98 -3.59 2.67
C TYR A 60 -54.67 -3.93 1.23
N ALA A 61 -53.38 -4.15 0.96
CA ALA A 61 -53.00 -4.79 -0.29
C ALA A 61 -53.52 -6.22 -0.30
N ASP A 62 -53.78 -6.74 -1.51
CA ASP A 62 -54.39 -8.06 -1.67
C ASP A 62 -53.48 -9.17 -1.15
N SER A 63 -52.17 -8.99 -1.25
CA SER A 63 -51.22 -10.01 -0.84
C SER A 63 -50.97 -10.08 0.66
N VAL A 64 -51.40 -9.06 1.42
CA VAL A 64 -51.07 -8.96 2.83
C VAL A 64 -52.29 -9.03 3.75
N LYS A 65 -53.51 -9.01 3.22
CA LYS A 65 -54.69 -8.98 4.08
C LYS A 65 -54.93 -10.36 4.68
N GLY A 66 -55.39 -10.36 5.94
CA GLY A 66 -55.38 -11.55 6.75
C GLY A 66 -54.09 -11.77 7.51
N ARG A 67 -53.10 -10.90 7.32
CA ARG A 67 -51.82 -11.03 8.02
C ARG A 67 -51.50 -9.72 8.74
N PHE A 68 -51.91 -8.60 8.15
CA PHE A 68 -51.52 -7.28 8.62
C PHE A 68 -52.71 -6.61 9.29
N THR A 69 -52.42 -5.68 10.21
CA THR A 69 -53.47 -5.00 10.96
C THR A 69 -53.03 -3.57 11.22
N ILE A 70 -53.76 -2.61 10.69
CA ILE A 70 -53.44 -1.20 10.86
C ILE A 70 -54.32 -0.64 11.96
N SER A 71 -53.79 0.31 12.72
CA SER A 71 -54.52 0.90 13.83
C SER A 71 -54.08 2.34 13.98
N ARG A 72 -54.85 3.10 14.76
CA ARG A 72 -54.62 4.53 14.89
C ARG A 72 -54.98 5.00 16.29
N ASP A 73 -54.17 5.90 16.84
CA ASP A 73 -54.47 6.58 18.10
C ASP A 73 -54.39 8.07 17.84
N ASN A 74 -55.54 8.74 17.84
CA ASN A 74 -55.61 10.17 17.53
C ASN A 74 -55.13 11.03 18.70
N ALA A 75 -55.20 10.53 19.93
CA ALA A 75 -54.77 11.35 21.05
C ALA A 75 -53.25 11.40 21.17
N LYS A 76 -52.58 10.30 20.87
CA LYS A 76 -51.12 10.22 20.97
C LYS A 76 -50.44 10.60 19.67
N ASN A 77 -51.21 10.91 18.63
CA ASN A 77 -50.72 11.16 17.27
C ASN A 77 -49.87 9.99 16.78
N SER A 78 -50.45 8.79 16.82
CA SER A 78 -49.68 7.60 16.49
C SER A 78 -50.42 6.68 15.54
N LEU A 79 -49.64 5.95 14.75
CA LEU A 79 -50.13 5.01 13.75
C LEU A 79 -49.40 3.69 13.95
N PHE A 80 -50.12 2.58 13.84
CA PHE A 80 -49.55 1.28 14.14
C PHE A 80 -49.81 0.29 13.02
N LEU A 81 -48.84 -0.58 12.78
CA LEU A 81 -49.02 -1.71 11.85
C LEU A 81 -48.48 -2.97 12.51
N GLN A 82 -49.39 -3.87 12.88
CA GLN A 82 -49.04 -5.20 13.35
C GLN A 82 -48.89 -6.13 12.15
N MET A 83 -47.75 -6.79 12.06
CA MET A 83 -47.42 -7.70 10.97
C MET A 83 -47.26 -9.10 11.57
N ASP A 84 -48.23 -9.97 11.32
CA ASP A 84 -48.18 -11.35 11.79
C ASP A 84 -48.05 -12.30 10.60
N SER A 85 -47.48 -13.48 10.88
CA SER A 85 -47.31 -14.58 9.92
C SER A 85 -46.53 -14.11 8.67
N LEU A 86 -45.35 -13.57 8.92
CA LEU A 86 -44.57 -12.93 7.85
C LEU A 86 -43.95 -13.97 6.93
N ARG A 87 -44.13 -13.76 5.63
CA ARG A 87 -43.44 -14.56 4.62
C ARG A 87 -42.17 -13.84 4.17
N ALA A 88 -41.41 -14.51 3.31
CA ALA A 88 -40.12 -13.97 2.87
C ALA A 88 -40.27 -12.78 1.93
N GLU A 89 -41.41 -12.65 1.26
CA GLU A 89 -41.65 -11.53 0.35
C GLU A 89 -41.73 -10.18 1.08
N ASP A 90 -41.96 -10.18 2.39
CA ASP A 90 -42.24 -8.95 3.14
C ASP A 90 -40.98 -8.20 3.56
N THR A 91 -39.79 -8.60 3.12
CA THR A 91 -38.57 -7.90 3.50
C THR A 91 -38.48 -6.60 2.71
N ALA A 92 -38.52 -5.47 3.41
CA ALA A 92 -38.64 -4.16 2.77
C ALA A 92 -38.39 -3.08 3.81
N VAL A 93 -38.17 -1.87 3.31
CA VAL A 93 -38.22 -0.68 4.17
C VAL A 93 -39.64 -0.12 4.13
N TYR A 94 -40.21 0.10 5.31
CA TYR A 94 -41.61 0.50 5.47
C TYR A 94 -41.69 1.97 5.83
N TYR A 95 -42.48 2.71 5.05
CA TYR A 95 -42.64 4.15 5.17
C TYR A 95 -44.04 4.48 5.68
N CYS A 96 -44.09 5.34 6.68
CA CYS A 96 -45.32 5.95 7.17
C CYS A 96 -45.63 7.19 6.35
N ALA A 97 -46.88 7.35 5.92
CA ALA A 97 -47.24 8.42 4.98
C ALA A 97 -48.61 8.98 5.30
N THR A 98 -48.83 10.24 4.89
CA THR A 98 -50.06 10.97 5.17
C THR A 98 -50.79 11.31 3.88
N ILE A 99 -52.12 11.26 3.94
CA ILE A 99 -53.01 11.75 2.89
C ILE A 99 -53.95 12.78 3.52
N ALA A 100 -54.02 13.96 2.92
CA ALA A 100 -54.90 15.01 3.44
C ALA A 100 -56.36 14.65 3.21
N GLY A 101 -57.16 14.75 4.28
CA GLY A 101 -58.58 14.56 4.20
C GLY A 101 -59.02 13.13 4.46
N PRO A 102 -60.33 12.91 4.59
CA PRO A 102 -60.85 11.55 4.79
C PRO A 102 -60.83 10.77 3.48
N LEU A 103 -61.09 9.48 3.60
CA LEU A 103 -60.95 8.56 2.49
C LEU A 103 -62.34 8.32 1.90
N SER A 104 -62.54 8.80 0.68
CA SER A 104 -63.82 8.77 -0.02
C SER A 104 -63.77 7.73 -1.14
N LEU A 105 -64.83 7.70 -1.94
CA LEU A 105 -64.84 6.85 -3.13
C LEU A 105 -64.01 7.44 -4.25
N LYS A 106 -63.84 8.76 -4.30
CA LYS A 106 -63.09 9.37 -5.39
C LYS A 106 -62.37 10.61 -4.88
N GLY A 107 -61.10 10.77 -5.28
CA GLY A 107 -60.49 12.09 -5.29
C GLY A 107 -59.35 12.40 -4.34
N ASP A 108 -58.21 12.82 -4.91
CA ASP A 108 -57.11 13.47 -4.19
C ASP A 108 -56.44 12.55 -3.17
N PHE A 109 -56.19 11.31 -3.57
CA PHE A 109 -55.51 10.35 -2.72
C PHE A 109 -54.05 10.23 -3.12
N PHE A 110 -53.29 11.27 -2.76
CA PHE A 110 -51.85 11.31 -2.94
C PHE A 110 -51.16 11.56 -1.61
N PHE A 111 -49.91 11.14 -1.53
CA PHE A 111 -49.17 11.12 -0.27
C PHE A 111 -48.51 12.47 -0.03
N ASP A 112 -49.02 13.21 0.96
CA ASP A 112 -48.58 14.58 1.21
C ASP A 112 -47.21 14.62 1.87
N SER A 113 -46.99 13.78 2.88
CA SER A 113 -45.73 13.77 3.61
C SER A 113 -45.35 12.34 3.95
N TRP A 114 -44.04 12.10 4.08
CA TRP A 114 -43.50 10.78 4.33
C TRP A 114 -42.55 10.82 5.52
N GLY A 115 -42.34 9.64 6.12
CA GLY A 115 -41.31 9.44 7.11
C GLY A 115 -40.08 8.76 6.52
N GLN A 116 -39.10 8.51 7.38
CA GLN A 116 -37.81 8.00 6.93
C GLN A 116 -37.72 6.49 6.90
N GLY A 117 -38.79 5.78 7.24
CA GLY A 117 -38.87 4.35 7.04
C GLY A 117 -38.09 3.56 8.08
N THR A 118 -38.47 2.28 8.21
CA THR A 118 -37.72 1.33 9.03
C THR A 118 -37.59 0.02 8.27
N LEU A 119 -36.46 -0.66 8.44
CA LEU A 119 -36.18 -1.86 7.68
C LEU A 119 -36.72 -3.09 8.40
N VAL A 120 -37.47 -3.91 7.68
CA VAL A 120 -38.00 -5.17 8.19
C VAL A 120 -37.41 -6.28 7.32
N THR A 121 -36.62 -7.15 7.94
CA THR A 121 -35.95 -8.25 7.24
C THR A 121 -36.54 -9.57 7.72
N VAL A 122 -37.10 -10.33 6.79
CA VAL A 122 -37.65 -11.65 7.07
C VAL A 122 -36.73 -12.69 6.42
N SER A 123 -36.00 -13.44 7.26
CA SER A 123 -35.06 -14.45 6.80
C SER A 123 -34.78 -15.40 7.94
N PRO A 124 -34.62 -16.70 7.68
CA PRO A 124 -34.32 -17.64 8.78
C PRO A 124 -32.85 -17.72 9.15
N ALA A 125 -32.15 -16.59 9.10
CA ALA A 125 -30.75 -16.52 9.47
C ALA A 125 -30.60 -15.81 10.82
N SER A 126 -29.60 -16.21 11.58
CA SER A 126 -29.36 -15.59 12.88
C SER A 126 -28.42 -14.39 12.71
N THR A 127 -28.48 -13.49 13.70
CA THR A 127 -27.70 -12.26 13.63
C THR A 127 -26.23 -12.56 13.90
N LYS A 128 -25.38 -12.25 12.92
CA LYS A 128 -23.95 -12.52 13.02
C LYS A 128 -23.17 -11.25 12.75
N GLY A 129 -22.19 -10.97 13.61
CA GLY A 129 -21.28 -9.87 13.42
C GLY A 129 -20.28 -10.15 12.32
N PRO A 130 -19.67 -9.10 11.78
CA PRO A 130 -18.78 -9.26 10.63
C PRO A 130 -17.34 -9.58 10.99
N SER A 131 -16.68 -10.27 10.07
CA SER A 131 -15.22 -10.32 10.04
C SER A 131 -14.69 -9.14 9.23
N VAL A 132 -13.74 -8.41 9.77
CA VAL A 132 -13.22 -7.21 9.13
C VAL A 132 -11.78 -7.47 8.70
N PHE A 133 -11.54 -7.44 7.39
CA PHE A 133 -10.24 -7.77 6.82
C PHE A 133 -9.60 -6.55 6.14
N PRO A 134 -8.28 -6.43 6.20
CA PRO A 134 -7.61 -5.30 5.53
C PRO A 134 -7.49 -5.51 4.03
N LEU A 135 -7.30 -4.39 3.32
CA LEU A 135 -7.02 -4.35 1.89
C LEU A 135 -5.86 -3.35 1.74
N ALA A 136 -4.64 -3.88 1.74
CA ALA A 136 -3.45 -3.07 1.93
C ALA A 136 -3.11 -2.25 0.70
N PRO A 137 -2.70 -0.99 0.88
CA PRO A 137 -2.27 -0.17 -0.26
C PRO A 137 -0.88 -0.51 -0.77
N SER A 138 -0.76 -1.43 -1.73
CA SER A 138 0.54 -1.83 -2.24
C SER A 138 1.01 -0.84 -3.31
N SER A 139 2.12 -1.16 -3.98
CA SER A 139 2.56 -0.43 -5.15
C SER A 139 1.96 -0.98 -6.44
N LYS A 140 1.15 -2.05 -6.34
CA LYS A 140 0.36 -2.56 -7.45
C LYS A 140 -1.11 -2.17 -7.29
N SER A 141 -1.40 -1.32 -6.30
CA SER A 141 -2.70 -0.69 -6.12
C SER A 141 -2.54 0.83 -6.13
N THR A 142 -1.54 1.33 -6.88
CA THR A 142 -1.22 2.75 -7.01
C THR A 142 -1.30 3.13 -8.47
N SER A 143 -2.04 4.20 -8.79
CA SER A 143 -2.13 4.60 -10.19
C SER A 143 -1.13 5.71 -10.55
N GLY A 144 -1.30 6.90 -9.99
CA GLY A 144 -0.47 8.05 -10.29
C GLY A 144 -0.03 8.87 -9.09
N GLY A 145 0.54 8.24 -8.06
CA GLY A 145 0.73 8.97 -6.82
C GLY A 145 -0.49 8.91 -5.93
N THR A 146 -1.59 8.36 -6.46
CA THR A 146 -2.84 8.11 -5.77
C THR A 146 -2.88 6.62 -5.53
N ALA A 147 -3.06 6.22 -4.28
CA ALA A 147 -3.17 4.81 -3.96
C ALA A 147 -4.43 4.59 -3.16
N ALA A 148 -5.04 3.44 -3.37
CA ALA A 148 -6.29 3.09 -2.70
C ALA A 148 -6.03 2.07 -1.61
N LEU A 149 -6.77 2.22 -0.52
CA LEU A 149 -6.72 1.26 0.58
C LEU A 149 -8.15 0.98 1.00
N GLY A 150 -8.38 -0.21 1.55
CA GLY A 150 -9.76 -0.47 1.95
C GLY A 150 -9.84 -1.43 3.11
N CYS A 151 -11.07 -1.67 3.55
CA CYS A 151 -11.35 -2.78 4.43
C CYS A 151 -12.60 -3.51 3.95
N LEU A 152 -12.50 -4.83 3.94
CA LEU A 152 -13.56 -5.72 3.50
C LEU A 152 -14.35 -6.20 4.73
N VAL A 153 -15.66 -5.97 4.71
CA VAL A 153 -16.56 -6.31 5.81
C VAL A 153 -17.33 -7.54 5.36
N LYS A 154 -16.96 -8.71 5.87
CA LYS A 154 -17.39 -9.98 5.33
C LYS A 154 -18.30 -10.70 6.31
N ASP A 155 -19.31 -11.41 5.76
CA ASP A 155 -20.11 -12.40 6.47
C ASP A 155 -20.81 -11.81 7.69
N TYR A 156 -21.69 -10.85 7.42
CA TYR A 156 -22.55 -10.29 8.46
C TYR A 156 -23.99 -10.39 8.02
N PHE A 157 -24.89 -10.42 9.00
CA PHE A 157 -26.32 -10.48 8.74
C PHE A 157 -27.03 -9.94 9.97
N PRO A 158 -28.08 -9.12 9.81
CA PRO A 158 -28.54 -8.52 8.56
C PRO A 158 -28.00 -7.12 8.37
N GLU A 159 -28.51 -6.42 7.35
CA GLU A 159 -28.16 -5.03 7.14
C GLU A 159 -28.79 -4.18 8.24
N PRO A 160 -28.21 -2.98 8.53
CA PRO A 160 -27.06 -2.29 7.95
C PRO A 160 -25.76 -2.34 8.77
N VAL A 161 -24.68 -1.92 8.12
CA VAL A 161 -23.45 -1.51 8.80
C VAL A 161 -23.18 -0.06 8.44
N THR A 162 -22.39 0.60 9.28
CA THR A 162 -21.95 1.96 9.00
C THR A 162 -20.44 2.00 9.11
N VAL A 163 -19.77 2.46 8.05
CA VAL A 163 -18.31 2.50 7.98
C VAL A 163 -17.87 3.95 7.94
N SER A 164 -16.96 4.31 8.85
CA SER A 164 -16.35 5.63 8.88
C SER A 164 -14.84 5.47 9.00
N TRP A 165 -14.09 6.38 8.38
CA TRP A 165 -12.64 6.29 8.39
C TRP A 165 -12.05 7.33 9.33
N ASN A 166 -11.20 6.87 10.26
CA ASN A 166 -10.53 7.69 11.26
C ASN A 166 -11.52 8.52 12.09
N SER A 167 -12.61 7.85 12.49
CA SER A 167 -13.69 8.43 13.31
C SER A 167 -14.32 9.66 12.64
N GLY A 168 -14.49 9.60 11.32
CA GLY A 168 -15.13 10.66 10.58
C GLY A 168 -14.23 11.79 10.12
N ALA A 169 -12.91 11.67 10.28
CA ALA A 169 -11.99 12.69 9.80
C ALA A 169 -11.77 12.63 8.29
N LEU A 170 -11.97 11.47 7.67
CA LEU A 170 -11.78 11.28 6.24
C LEU A 170 -13.13 11.28 5.54
N THR A 171 -13.42 12.33 4.78
CA THR A 171 -14.66 12.43 4.03
C THR A 171 -14.47 12.45 2.51
N SER A 172 -13.40 13.05 2.00
CA SER A 172 -13.15 13.10 0.56
C SER A 172 -12.42 11.85 0.09
N GLY A 173 -12.86 11.32 -1.05
CA GLY A 173 -12.26 10.12 -1.60
C GLY A 173 -12.78 8.81 -1.06
N VAL A 174 -13.82 8.84 -0.23
CA VAL A 174 -14.35 7.64 0.40
C VAL A 174 -15.45 7.06 -0.49
N HIS A 175 -15.41 5.73 -0.68
CA HIS A 175 -16.47 4.99 -1.37
C HIS A 175 -16.73 3.72 -0.56
N THR A 176 -17.69 3.79 0.36
CA THR A 176 -18.20 2.59 1.01
C THR A 176 -19.28 2.01 0.10
N PHE A 177 -19.08 0.79 -0.35
CA PHE A 177 -19.96 0.24 -1.37
C PHE A 177 -21.25 -0.26 -0.75
N PRO A 178 -22.35 -0.31 -1.51
CA PRO A 178 -23.55 -0.96 -0.99
C PRO A 178 -23.35 -2.46 -0.95
N ALA A 179 -23.97 -3.08 0.05
CA ALA A 179 -23.72 -4.48 0.31
C ALA A 179 -24.42 -5.37 -0.71
N VAL A 180 -23.82 -6.54 -0.94
CA VAL A 180 -24.38 -7.57 -1.80
C VAL A 180 -24.31 -8.87 -1.03
N LEU A 181 -25.35 -9.69 -1.15
CA LEU A 181 -25.41 -10.94 -0.41
C LEU A 181 -24.89 -12.06 -1.29
N GLN A 182 -24.01 -12.88 -0.73
CA GLN A 182 -23.39 -13.97 -1.46
C GLN A 182 -24.29 -15.20 -1.44
N SER A 183 -23.78 -16.31 -1.99
CA SER A 183 -24.52 -17.56 -2.02
C SER A 183 -24.70 -18.18 -0.64
N SER A 184 -23.88 -17.79 0.33
CA SER A 184 -24.03 -18.26 1.71
C SER A 184 -25.34 -17.77 2.34
N GLY A 185 -25.87 -16.64 1.88
CA GLY A 185 -27.02 -16.01 2.51
C GLY A 185 -26.69 -14.90 3.47
N LEU A 186 -25.41 -14.59 3.67
CA LEU A 186 -24.96 -13.45 4.45
C LEU A 186 -24.45 -12.37 3.53
N TYR A 187 -24.10 -11.23 4.11
CA TYR A 187 -23.75 -10.05 3.35
C TYR A 187 -22.25 -9.79 3.40
N SER A 188 -21.72 -9.25 2.30
CA SER A 188 -20.34 -8.80 2.23
C SER A 188 -20.33 -7.41 1.62
N LEU A 189 -19.45 -6.55 2.14
CA LEU A 189 -19.33 -5.15 1.77
C LEU A 189 -17.85 -4.83 1.64
N SER A 190 -17.51 -3.83 0.83
CA SER A 190 -16.12 -3.44 0.67
C SER A 190 -16.05 -1.92 0.70
N SER A 191 -15.35 -1.34 1.68
CA SER A 191 -15.19 0.10 1.73
C SER A 191 -13.77 0.49 1.31
N VAL A 192 -13.66 1.43 0.36
CA VAL A 192 -12.37 1.85 -0.16
C VAL A 192 -12.23 3.35 0.04
N VAL A 193 -10.97 3.81 0.04
CA VAL A 193 -10.61 5.22 0.17
C VAL A 193 -9.34 5.43 -0.64
N THR A 194 -9.33 6.47 -1.47
CA THR A 194 -8.13 6.89 -2.18
C THR A 194 -7.37 7.91 -1.35
N VAL A 195 -6.06 7.92 -1.51
CA VAL A 195 -5.24 8.78 -0.67
C VAL A 195 -3.93 9.07 -1.43
N PRO A 196 -3.27 10.19 -1.16
CA PRO A 196 -1.94 10.40 -1.73
C PRO A 196 -0.95 9.38 -1.17
N SER A 197 -0.11 8.87 -2.05
CA SER A 197 0.85 7.86 -1.70
C SER A 197 2.05 8.41 -0.93
N SER A 198 2.25 9.73 -0.92
CA SER A 198 3.35 10.30 -0.17
C SER A 198 3.12 10.22 1.33
N SER A 199 1.87 10.39 1.78
CA SER A 199 1.51 10.41 3.18
C SER A 199 1.12 9.03 3.72
N LEU A 200 1.36 7.97 2.94
CA LEU A 200 0.94 6.62 3.30
C LEU A 200 1.56 6.14 4.61
N GLY A 201 2.89 6.18 4.71
CA GLY A 201 3.55 5.77 5.93
C GLY A 201 3.35 6.75 7.08
N THR A 202 3.28 8.05 6.76
CA THR A 202 3.29 9.08 7.79
C THR A 202 1.99 9.11 8.59
N GLN A 203 0.86 8.90 7.93
CA GLN A 203 -0.45 8.95 8.59
C GLN A 203 -1.10 7.57 8.62
N THR A 204 -1.55 7.17 9.80
CA THR A 204 -2.25 5.91 9.96
C THR A 204 -3.69 6.03 9.46
N TYR A 205 -4.20 4.93 8.89
CA TYR A 205 -5.56 4.89 8.36
C TYR A 205 -6.30 3.68 8.93
N ILE A 206 -7.24 3.96 9.83
CA ILE A 206 -8.10 2.96 10.44
C ILE A 206 -9.52 3.16 9.95
N CYS A 207 -10.25 2.04 9.80
CA CYS A 207 -11.66 2.07 9.49
C CYS A 207 -12.46 1.53 10.67
N ASN A 208 -13.58 2.21 10.96
CA ASN A 208 -14.48 1.91 12.07
C ASN A 208 -15.76 1.37 11.45
N VAL A 209 -16.03 0.08 11.68
CA VAL A 209 -17.22 -0.59 11.22
C VAL A 209 -18.17 -0.75 12.39
N ASN A 210 -19.43 -0.39 12.18
CA ASN A 210 -20.45 -0.48 13.23
C ASN A 210 -21.59 -1.35 12.71
N HIS A 211 -21.86 -2.45 13.43
CA HIS A 211 -22.98 -3.35 13.16
C HIS A 211 -23.88 -3.32 14.39
N LYS A 212 -24.84 -2.39 14.40
CA LYS A 212 -25.77 -2.29 15.50
C LYS A 212 -26.73 -3.47 15.71
N PRO A 213 -27.15 -4.26 14.69
CA PRO A 213 -27.93 -5.47 15.02
C PRO A 213 -27.23 -6.49 15.91
N SER A 214 -25.90 -6.51 15.94
CA SER A 214 -25.16 -7.36 16.85
C SER A 214 -24.40 -6.56 17.90
N ASN A 215 -24.42 -5.24 17.81
CA ASN A 215 -23.55 -4.32 18.55
C ASN A 215 -22.09 -4.75 18.47
N THR A 216 -21.59 -4.78 17.23
CA THR A 216 -20.20 -5.14 16.96
C THR A 216 -19.50 -3.92 16.36
N LYS A 217 -18.58 -3.34 17.11
CA LYS A 217 -17.88 -2.11 16.72
C LYS A 217 -16.41 -2.45 16.59
N VAL A 218 -15.91 -2.45 15.34
CA VAL A 218 -14.57 -2.94 15.03
C VAL A 218 -13.75 -1.77 14.48
N ASP A 219 -12.53 -1.62 15.00
CA ASP A 219 -11.56 -0.66 14.47
C ASP A 219 -10.39 -1.44 13.90
N LYS A 220 -10.18 -1.34 12.58
CA LYS A 220 -9.11 -2.07 11.92
C LYS A 220 -8.20 -1.12 11.16
N LYS A 221 -6.89 -1.36 11.25
CA LYS A 221 -5.88 -0.46 10.72
C LYS A 221 -5.26 -1.11 9.48
N VAL A 222 -4.97 -0.31 8.45
CA VAL A 222 -4.42 -0.88 7.22
C VAL A 222 -3.01 -0.33 6.98
N GLU A 223 -2.12 -1.21 6.53
CA GLU A 223 -0.73 -0.93 6.18
C GLU A 223 -0.32 -1.97 5.14
N PRO A 224 0.65 -1.65 4.26
CA PRO A 224 1.11 -2.62 3.26
C PRO A 224 1.77 -3.87 3.85
N GLU B 1 -56.49 -3.43 -9.94
CA GLU B 1 -55.07 -3.22 -10.24
C GLU B 1 -54.81 -2.94 -11.71
N ILE B 2 -54.51 -1.69 -12.02
CA ILE B 2 -54.04 -1.33 -13.35
C ILE B 2 -52.56 -1.02 -13.24
N VAL B 3 -51.78 -1.51 -14.20
CA VAL B 3 -50.34 -1.37 -14.16
C VAL B 3 -49.95 0.02 -14.66
N MET B 4 -48.93 0.59 -14.03
CA MET B 4 -48.34 1.86 -14.45
C MET B 4 -46.95 1.55 -14.97
N THR B 5 -46.77 1.65 -16.29
CA THR B 5 -45.47 1.42 -16.90
C THR B 5 -44.78 2.77 -17.11
N GLN B 6 -43.58 2.91 -16.57
CA GLN B 6 -42.81 4.13 -16.76
C GLN B 6 -41.78 3.92 -17.86
N SER B 7 -41.49 5.00 -18.58
CA SER B 7 -40.59 4.98 -19.70
C SER B 7 -39.78 6.27 -19.68
N PRO B 8 -38.47 6.20 -19.96
CA PRO B 8 -37.70 4.98 -20.23
C PRO B 8 -37.26 4.27 -18.96
N ALA B 9 -36.44 3.23 -19.10
CA ALA B 9 -35.92 2.54 -17.92
C ALA B 9 -34.97 3.43 -17.15
N THR B 10 -33.85 3.80 -17.77
CA THR B 10 -32.96 4.82 -17.27
C THR B 10 -32.87 5.93 -18.31
N LEU B 11 -32.70 7.17 -17.83
CA LEU B 11 -32.61 8.33 -18.71
C LEU B 11 -31.33 9.10 -18.40
N SER B 12 -30.41 9.11 -19.35
CA SER B 12 -29.16 9.86 -19.22
C SER B 12 -29.31 11.19 -19.92
N VAL B 13 -29.10 12.28 -19.19
CA VAL B 13 -29.29 13.62 -19.72
C VAL B 13 -28.35 14.56 -18.97
N SER B 14 -27.77 15.52 -19.70
CA SER B 14 -26.84 16.50 -19.16
C SER B 14 -27.58 17.57 -18.35
N PRO B 15 -26.95 18.12 -17.30
CA PRO B 15 -27.61 19.14 -16.50
C PRO B 15 -27.76 20.46 -17.26
N GLY B 16 -28.95 21.04 -17.14
CA GLY B 16 -29.33 22.20 -17.93
C GLY B 16 -30.28 21.88 -19.06
N GLU B 17 -30.30 20.64 -19.51
CA GLU B 17 -31.14 20.21 -20.62
C GLU B 17 -32.53 19.83 -20.11
N ARG B 18 -33.37 19.33 -21.01
CA ARG B 18 -34.77 19.04 -20.70
C ARG B 18 -34.98 17.54 -20.63
N ALA B 19 -35.77 17.11 -19.64
CA ALA B 19 -36.05 15.68 -19.44
C ALA B 19 -37.55 15.46 -19.39
N THR B 20 -38.05 14.59 -20.26
CA THR B 20 -39.46 14.21 -20.28
C THR B 20 -39.58 12.72 -19.98
N LEU B 21 -40.49 12.38 -19.08
CA LEU B 21 -40.72 11.02 -18.61
C LEU B 21 -42.17 10.65 -18.92
N SER B 22 -42.41 9.40 -19.29
CA SER B 22 -43.73 8.96 -19.72
C SER B 22 -44.26 7.92 -18.76
N CYS B 23 -45.47 8.12 -18.29
CA CYS B 23 -46.21 7.12 -17.53
C CYS B 23 -47.40 6.68 -18.37
N ARG B 24 -47.54 5.37 -18.56
CA ARG B 24 -48.65 4.82 -19.34
C ARG B 24 -49.46 3.89 -18.46
N ALA B 25 -50.78 3.94 -18.61
CA ALA B 25 -51.71 3.22 -17.75
C ALA B 25 -52.48 2.18 -18.54
N SER B 26 -52.83 1.08 -17.84
CA SER B 26 -53.58 0.00 -18.47
C SER B 26 -55.01 0.41 -18.77
N GLN B 27 -55.67 1.06 -17.82
CA GLN B 27 -56.99 1.64 -18.00
C GLN B 27 -56.89 3.13 -17.68
N SER B 28 -57.89 3.89 -18.12
CA SER B 28 -57.90 5.34 -17.87
C SER B 28 -57.91 5.64 -16.38
N VAL B 29 -57.10 6.62 -15.99
CA VAL B 29 -57.04 7.07 -14.62
C VAL B 29 -57.59 8.48 -14.50
N SER B 30 -57.74 9.17 -15.63
CA SER B 30 -58.53 10.40 -15.81
C SER B 30 -58.13 11.47 -14.79
N SER B 31 -56.87 11.88 -14.91
CA SER B 31 -56.23 13.01 -14.21
C SER B 31 -56.01 12.71 -12.73
N SER B 32 -56.20 11.47 -12.27
CA SER B 32 -55.94 11.10 -10.89
C SER B 32 -54.56 10.47 -10.74
N LEU B 33 -53.54 11.31 -10.99
CA LEU B 33 -52.16 10.85 -11.02
C LEU B 33 -51.28 11.80 -10.22
N ALA B 34 -50.23 11.24 -9.64
CA ALA B 34 -49.24 11.98 -8.86
C ALA B 34 -47.85 11.56 -9.27
N TRP B 35 -46.92 12.49 -9.17
CA TRP B 35 -45.50 12.28 -9.44
C TRP B 35 -44.73 12.56 -8.16
N TYR B 36 -43.79 11.65 -7.85
CA TYR B 36 -42.94 11.69 -6.66
C TYR B 36 -41.47 11.61 -7.07
N GLN B 37 -40.63 12.35 -6.33
CA GLN B 37 -39.18 12.31 -6.47
C GLN B 37 -38.56 11.56 -5.29
N GLN B 38 -37.64 10.66 -5.57
CA GLN B 38 -36.88 9.95 -4.54
C GLN B 38 -35.39 10.00 -4.87
N LYS B 39 -34.67 10.87 -4.17
CA LYS B 39 -33.22 10.78 -4.17
C LYS B 39 -32.79 9.53 -3.40
N PRO B 40 -31.64 8.93 -3.74
CA PRO B 40 -31.28 7.63 -3.16
C PRO B 40 -31.01 7.69 -1.66
N GLY B 41 -31.52 6.70 -0.95
CA GLY B 41 -31.40 6.62 0.49
C GLY B 41 -32.32 7.55 1.27
N GLN B 42 -33.27 8.20 0.60
CA GLN B 42 -34.18 9.14 1.24
C GLN B 42 -35.63 8.71 1.01
N ALA B 43 -36.53 9.48 1.61
CA ALA B 43 -37.96 9.29 1.48
C ALA B 43 -38.47 9.98 0.20
N PRO B 44 -39.54 9.45 -0.40
CA PRO B 44 -40.12 10.11 -1.57
C PRO B 44 -40.68 11.49 -1.25
N ARG B 45 -40.59 12.39 -2.23
CA ARG B 45 -41.08 13.75 -2.11
C ARG B 45 -42.18 13.97 -3.14
N LEU B 46 -43.34 14.42 -2.69
CA LEU B 46 -44.47 14.62 -3.59
C LEU B 46 -44.19 15.82 -4.49
N LEU B 47 -44.28 15.59 -5.80
CA LEU B 47 -43.97 16.61 -6.79
C LEU B 47 -45.22 17.23 -7.41
N ILE B 48 -46.04 16.41 -8.09
CA ILE B 48 -47.20 16.96 -8.80
C ILE B 48 -48.41 16.09 -8.52
N HIS B 49 -49.50 16.71 -8.07
CA HIS B 49 -50.76 16.00 -7.83
C HIS B 49 -51.79 16.42 -8.87
N GLY B 50 -52.70 15.52 -9.24
CA GLY B 50 -53.77 15.89 -10.15
C GLY B 50 -53.36 15.91 -11.59
N ALA B 51 -52.11 15.58 -11.88
CA ALA B 51 -51.45 15.40 -13.17
C ALA B 51 -51.04 16.72 -13.82
N SER B 52 -51.40 17.88 -13.25
CA SER B 52 -50.91 19.16 -13.76
C SER B 52 -50.82 20.20 -12.65
N THR B 53 -51.21 19.85 -11.44
CA THR B 53 -51.24 20.84 -10.36
C THR B 53 -49.96 20.61 -9.57
N ARG B 54 -49.10 21.61 -9.57
CA ARG B 54 -47.83 21.47 -8.91
C ARG B 54 -48.04 21.51 -7.41
N ALA B 55 -47.31 20.68 -6.67
CA ALA B 55 -47.51 20.73 -5.24
C ALA B 55 -46.84 21.96 -4.66
N THR B 56 -47.17 22.26 -3.41
CA THR B 56 -46.57 23.40 -2.75
C THR B 56 -45.12 23.09 -2.44
N GLY B 57 -44.25 24.10 -2.60
CA GLY B 57 -42.83 23.90 -2.37
C GLY B 57 -42.10 23.10 -3.42
N ILE B 58 -42.62 23.10 -4.65
CA ILE B 58 -42.05 22.35 -5.77
C ILE B 58 -41.54 23.28 -6.87
N PRO B 59 -40.34 23.07 -7.39
CA PRO B 59 -39.80 23.97 -8.42
C PRO B 59 -40.65 24.02 -9.69
N THR B 60 -40.61 25.17 -10.37
CA THR B 60 -41.48 25.42 -11.51
C THR B 60 -41.03 24.68 -12.76
N ARG B 61 -39.80 24.18 -12.76
CA ARG B 61 -39.28 23.44 -13.91
C ARG B 61 -40.02 22.12 -14.07
N PHE B 62 -40.52 21.55 -12.97
CA PHE B 62 -41.35 20.35 -13.06
C PHE B 62 -42.73 20.74 -13.55
N SER B 63 -43.22 19.99 -14.52
CA SER B 63 -44.55 20.23 -15.07
C SER B 63 -45.15 18.88 -15.44
N GLY B 64 -46.45 18.76 -15.23
CA GLY B 64 -47.16 17.52 -15.52
C GLY B 64 -48.15 17.74 -16.64
N SER B 65 -48.35 16.70 -17.44
CA SER B 65 -49.34 16.73 -18.50
C SER B 65 -49.82 15.32 -18.76
N GLY B 66 -50.99 15.18 -19.37
CA GLY B 66 -51.49 13.88 -19.77
C GLY B 66 -52.93 13.68 -19.38
N SER B 67 -53.50 12.62 -19.96
CA SER B 67 -54.88 12.24 -19.69
C SER B 67 -55.06 10.76 -19.96
N GLY B 68 -55.90 10.13 -19.14
CA GLY B 68 -56.48 8.85 -19.45
C GLY B 68 -55.44 7.76 -19.29
N THR B 69 -54.67 7.58 -20.35
CA THR B 69 -53.63 6.57 -20.44
C THR B 69 -52.23 7.17 -20.38
N GLU B 70 -51.97 8.29 -21.06
CA GLU B 70 -50.62 8.79 -21.24
C GLU B 70 -50.35 10.05 -20.42
N PHE B 71 -49.20 10.08 -19.76
CA PHE B 71 -48.77 11.20 -18.93
C PHE B 71 -47.29 11.45 -19.16
N THR B 72 -46.90 12.71 -19.02
CA THR B 72 -45.51 13.11 -19.13
C THR B 72 -45.19 14.07 -17.98
N LEU B 73 -44.08 13.80 -17.31
CA LEU B 73 -43.46 14.71 -16.38
C LEU B 73 -42.25 15.33 -17.04
N THR B 74 -42.15 16.66 -17.00
CA THR B 74 -41.13 17.37 -17.74
C THR B 74 -40.37 18.27 -16.78
N ILE B 75 -39.05 18.13 -16.75
CA ILE B 75 -38.16 19.05 -16.05
C ILE B 75 -37.44 19.86 -17.14
N SER B 76 -37.72 21.16 -17.17
CA SER B 76 -37.36 22.00 -18.32
C SER B 76 -35.87 22.30 -18.35
N SER B 77 -35.34 22.86 -17.26
CA SER B 77 -33.92 23.16 -17.11
C SER B 77 -33.42 22.42 -15.87
N LEU B 78 -32.61 21.39 -16.08
CA LEU B 78 -32.32 20.42 -15.04
C LEU B 78 -31.22 20.92 -14.11
N GLN B 79 -31.42 20.70 -12.80
CA GLN B 79 -30.48 21.09 -11.78
C GLN B 79 -29.85 19.86 -11.14
N SER B 80 -28.86 20.11 -10.27
CA SER B 80 -28.13 19.01 -9.64
C SER B 80 -29.00 18.26 -8.63
N GLU B 81 -29.95 18.96 -8.00
CA GLU B 81 -30.80 18.34 -6.99
C GLU B 81 -31.77 17.32 -7.60
N ASP B 82 -32.08 17.45 -8.88
CA ASP B 82 -33.17 16.72 -9.50
C ASP B 82 -32.76 15.36 -10.05
N PHE B 83 -31.52 14.94 -9.81
CA PHE B 83 -31.08 13.61 -10.24
C PHE B 83 -31.54 12.60 -9.20
N ALA B 84 -32.54 11.82 -9.55
CA ALA B 84 -33.22 10.95 -8.61
C ALA B 84 -34.02 9.90 -9.39
N VAL B 85 -34.80 9.11 -8.68
CA VAL B 85 -35.76 8.21 -9.29
C VAL B 85 -37.14 8.85 -9.18
N TYR B 86 -37.95 8.72 -10.22
CA TYR B 86 -39.24 9.39 -10.27
C TYR B 86 -40.35 8.36 -10.47
N TYR B 87 -41.39 8.47 -9.66
CA TYR B 87 -42.48 7.50 -9.64
C TYR B 87 -43.80 8.17 -9.97
N CYS B 88 -44.60 7.52 -10.79
CA CYS B 88 -45.98 7.91 -11.00
C CYS B 88 -46.92 6.98 -10.24
N GLN B 89 -48.03 7.54 -9.75
CA GLN B 89 -48.99 6.82 -8.94
C GLN B 89 -50.39 7.23 -9.34
N GLN B 90 -51.25 6.24 -9.62
CA GLN B 90 -52.65 6.52 -9.89
C GLN B 90 -53.49 6.32 -8.63
N TYR B 91 -54.56 7.12 -8.51
CA TYR B 91 -55.49 7.00 -7.40
C TYR B 91 -56.93 7.11 -7.90
N ALA B 92 -57.23 6.47 -9.03
CA ALA B 92 -58.56 6.48 -9.61
C ALA B 92 -59.33 5.20 -9.37
N ASN B 93 -58.73 4.05 -9.70
CA ASN B 93 -59.33 2.74 -9.49
C ASN B 93 -58.56 2.09 -8.35
N TRP B 94 -59.18 2.03 -7.17
CA TRP B 94 -58.50 1.57 -5.96
C TRP B 94 -59.52 0.90 -5.06
N PRO B 95 -59.11 -0.07 -4.23
CA PRO B 95 -57.76 -0.60 -3.96
C PRO B 95 -57.23 -1.54 -5.03
N PRO B 96 -55.90 -1.64 -5.16
CA PRO B 96 -54.86 -0.84 -4.49
C PRO B 96 -54.45 0.40 -5.29
N TRP B 97 -53.87 1.39 -4.62
CA TRP B 97 -53.12 2.42 -5.32
C TRP B 97 -51.83 1.81 -5.86
N THR B 98 -51.67 1.81 -7.17
CA THR B 98 -50.52 1.19 -7.81
C THR B 98 -49.52 2.24 -8.25
N PHE B 99 -48.24 1.92 -8.10
CA PHE B 99 -47.15 2.79 -8.51
C PHE B 99 -46.54 2.29 -9.81
N GLY B 100 -45.84 3.19 -10.48
CA GLY B 100 -44.95 2.77 -11.54
C GLY B 100 -43.66 2.23 -10.99
N GLN B 101 -42.86 1.60 -11.85
CA GLN B 101 -41.63 0.98 -11.42
C GLN B 101 -40.47 1.96 -11.39
N GLY B 102 -40.70 3.22 -11.68
CA GLY B 102 -39.66 4.22 -11.48
C GLY B 102 -38.87 4.50 -12.74
N THR B 103 -38.36 5.72 -12.83
CA THR B 103 -37.42 6.09 -13.88
C THR B 103 -36.25 6.81 -13.23
N LYS B 104 -35.06 6.23 -13.36
CA LYS B 104 -33.84 6.84 -12.86
C LYS B 104 -33.32 7.84 -13.88
N VAL B 105 -33.16 9.10 -13.49
CA VAL B 105 -32.47 10.08 -14.29
C VAL B 105 -31.05 10.25 -13.74
N GLU B 106 -30.06 10.13 -14.62
CA GLU B 106 -28.66 10.16 -14.20
C GLU B 106 -27.97 11.35 -14.84
N SER B 107 -26.91 11.82 -14.18
CA SER B 107 -26.14 12.96 -14.66
C SER B 107 -25.19 12.51 -15.76
N LYS B 108 -25.43 12.98 -16.98
CA LYS B 108 -24.52 12.72 -18.08
C LYS B 108 -23.31 13.63 -17.97
N ARG B 109 -22.12 13.04 -18.01
CA ARG B 109 -20.86 13.76 -18.00
C ARG B 109 -20.01 13.25 -19.15
N THR B 110 -18.79 13.77 -19.23
CA THR B 110 -17.87 13.29 -20.25
C THR B 110 -17.32 11.92 -19.84
N VAL B 111 -16.90 11.14 -20.84
CA VAL B 111 -16.52 9.75 -20.60
C VAL B 111 -15.21 9.69 -19.83
N ALA B 112 -15.19 8.92 -18.75
CA ALA B 112 -14.02 8.75 -17.90
C ALA B 112 -13.66 7.28 -17.78
N ALA B 113 -12.36 6.99 -17.86
CA ALA B 113 -11.85 5.64 -17.70
C ALA B 113 -11.70 5.31 -16.21
N PRO B 114 -11.92 4.06 -15.82
CA PRO B 114 -11.73 3.70 -14.42
C PRO B 114 -10.26 3.55 -14.05
N SER B 115 -9.95 3.92 -12.83
CA SER B 115 -8.68 3.54 -12.23
C SER B 115 -8.84 2.15 -11.66
N VAL B 116 -8.06 1.19 -12.16
CA VAL B 116 -8.25 -0.21 -11.83
C VAL B 116 -7.18 -0.63 -10.83
N PHE B 117 -7.62 -1.04 -9.65
CA PHE B 117 -6.73 -1.56 -8.62
C PHE B 117 -7.11 -3.01 -8.35
N ILE B 118 -6.13 -3.79 -7.89
CA ILE B 118 -6.38 -5.16 -7.49
C ILE B 118 -5.80 -5.36 -6.09
N PHE B 119 -6.58 -6.00 -5.22
CA PHE B 119 -6.23 -6.23 -3.83
C PHE B 119 -6.16 -7.73 -3.59
N PRO B 120 -5.00 -8.24 -3.18
CA PRO B 120 -4.87 -9.65 -2.85
C PRO B 120 -5.48 -9.93 -1.49
N PRO B 121 -5.77 -11.19 -1.15
CA PRO B 121 -6.34 -11.49 0.17
C PRO B 121 -5.35 -11.22 1.29
N SER B 122 -5.86 -10.67 2.38
CA SER B 122 -5.06 -10.40 3.56
C SER B 122 -4.75 -11.70 4.29
N ASP B 123 -3.69 -11.67 5.11
CA ASP B 123 -3.30 -12.87 5.85
C ASP B 123 -4.21 -13.15 7.04
N GLU B 124 -4.90 -12.13 7.57
CA GLU B 124 -5.94 -12.40 8.57
C GLU B 124 -7.11 -13.13 7.95
N GLN B 125 -7.36 -12.88 6.66
CA GLN B 125 -8.37 -13.61 5.90
C GLN B 125 -7.86 -14.98 5.47
N LEU B 126 -6.54 -15.13 5.34
CA LEU B 126 -5.92 -16.41 5.04
C LEU B 126 -5.80 -17.32 6.25
N LYS B 127 -6.23 -16.84 7.43
CA LYS B 127 -6.39 -17.71 8.59
C LYS B 127 -7.48 -18.74 8.31
N SER B 128 -8.67 -18.25 7.94
CA SER B 128 -9.74 -19.10 7.44
C SER B 128 -9.48 -19.45 5.98
N GLY B 129 -10.27 -20.41 5.48
CA GLY B 129 -10.17 -20.85 4.10
C GLY B 129 -11.06 -20.06 3.16
N THR B 130 -11.11 -18.74 3.34
CA THR B 130 -12.04 -17.85 2.65
C THR B 130 -11.31 -16.72 1.95
N ALA B 131 -10.32 -17.06 1.14
CA ALA B 131 -9.54 -16.08 0.39
C ALA B 131 -10.39 -15.41 -0.69
N SER B 132 -10.47 -14.06 -0.64
CA SER B 132 -11.21 -13.27 -1.61
C SER B 132 -10.32 -12.19 -2.23
N VAL B 133 -10.27 -12.15 -3.55
CA VAL B 133 -9.50 -11.17 -4.31
C VAL B 133 -10.45 -10.07 -4.79
N VAL B 134 -10.06 -8.81 -4.59
CA VAL B 134 -10.95 -7.68 -4.86
C VAL B 134 -10.39 -6.85 -6.01
N CYS B 135 -11.20 -6.63 -7.05
CA CYS B 135 -10.86 -5.72 -8.14
C CYS B 135 -11.71 -4.46 -8.04
N LEU B 136 -11.06 -3.31 -7.95
CA LEU B 136 -11.75 -2.03 -7.81
C LEU B 136 -11.62 -1.23 -9.11
N LEU B 137 -12.76 -0.77 -9.62
CA LEU B 137 -12.83 0.14 -10.77
C LEU B 137 -13.31 1.47 -10.20
N ASN B 138 -12.46 2.48 -10.19
CA ASN B 138 -12.75 3.72 -9.48
C ASN B 138 -12.97 4.87 -10.43
N ASN B 139 -14.08 5.58 -10.23
CA ASN B 139 -14.36 6.90 -10.82
C ASN B 139 -14.38 6.84 -12.35
N PHE B 140 -15.38 6.13 -12.86
CA PHE B 140 -15.57 5.98 -14.30
C PHE B 140 -16.99 6.39 -14.69
N TYR B 141 -17.18 6.59 -16.00
CA TYR B 141 -18.48 6.87 -16.60
C TYR B 141 -18.42 6.44 -18.05
N PRO B 142 -19.46 5.79 -18.59
CA PRO B 142 -20.71 5.37 -17.94
C PRO B 142 -20.57 4.08 -17.12
N ARG B 143 -21.62 3.68 -16.42
CA ARG B 143 -21.52 2.53 -15.52
C ARG B 143 -21.49 1.20 -16.26
N GLU B 144 -21.76 1.18 -17.57
CA GLU B 144 -21.69 -0.06 -18.34
C GLU B 144 -20.23 -0.49 -18.45
N ALA B 145 -19.87 -1.54 -17.73
CA ALA B 145 -18.52 -2.08 -17.76
C ALA B 145 -18.59 -3.59 -17.68
N LYS B 146 -17.54 -4.26 -18.16
CA LYS B 146 -17.49 -5.72 -18.16
C LYS B 146 -16.18 -6.16 -17.52
N VAL B 147 -16.27 -6.79 -16.34
CA VAL B 147 -15.08 -7.33 -15.69
C VAL B 147 -15.08 -8.84 -15.86
N GLN B 148 -13.88 -9.41 -15.90
CA GLN B 148 -13.68 -10.84 -16.03
C GLN B 148 -12.45 -11.22 -15.22
N TRP B 149 -12.42 -12.46 -14.75
CA TRP B 149 -11.34 -12.94 -13.91
C TRP B 149 -10.55 -14.01 -14.64
N LYS B 150 -9.23 -13.83 -14.68
CA LYS B 150 -8.31 -14.78 -15.29
C LYS B 150 -7.40 -15.34 -14.20
N VAL B 151 -7.54 -16.62 -13.91
CA VAL B 151 -6.69 -17.29 -12.93
C VAL B 151 -5.86 -18.31 -13.71
N ASP B 152 -4.55 -18.07 -13.78
CA ASP B 152 -3.61 -18.83 -14.62
C ASP B 152 -4.09 -18.86 -16.08
N ASN B 153 -4.55 -17.71 -16.57
CA ASN B 153 -5.17 -17.54 -17.89
C ASN B 153 -6.32 -18.53 -18.11
N ALA B 154 -7.23 -18.58 -17.13
CA ALA B 154 -8.47 -19.34 -17.24
C ALA B 154 -9.63 -18.46 -16.83
N LEU B 155 -10.63 -18.33 -17.70
CA LEU B 155 -11.81 -17.53 -17.39
C LEU B 155 -12.70 -18.26 -16.40
N GLN B 156 -13.31 -17.50 -15.49
CA GLN B 156 -14.20 -18.05 -14.47
C GLN B 156 -15.63 -17.55 -14.71
N SER B 157 -16.59 -18.42 -14.46
CA SER B 157 -18.01 -18.09 -14.59
C SER B 157 -18.70 -18.36 -13.26
N GLY B 158 -19.30 -17.33 -12.69
CA GLY B 158 -20.07 -17.49 -11.47
C GLY B 158 -19.26 -17.62 -10.19
N ASN B 159 -17.95 -17.42 -10.26
CA ASN B 159 -17.13 -17.44 -9.06
C ASN B 159 -16.89 -16.07 -8.45
N SER B 160 -17.48 -15.02 -9.03
CA SER B 160 -17.29 -13.66 -8.56
C SER B 160 -18.60 -12.90 -8.61
N GLN B 161 -18.70 -11.84 -7.81
CA GLN B 161 -19.88 -10.98 -7.83
C GLN B 161 -19.48 -9.51 -7.68
N GLU B 162 -20.23 -8.64 -8.35
CA GLU B 162 -19.95 -7.22 -8.40
C GLU B 162 -20.90 -6.41 -7.53
N SER B 163 -20.50 -5.15 -7.33
CA SER B 163 -21.29 -4.14 -6.65
C SER B 163 -20.90 -2.78 -7.20
N VAL B 164 -21.88 -1.96 -7.58
CA VAL B 164 -21.62 -0.62 -8.10
C VAL B 164 -22.02 0.40 -7.04
N THR B 165 -21.25 1.47 -6.95
CA THR B 165 -21.72 2.58 -6.14
C THR B 165 -22.74 3.36 -6.94
N GLU B 166 -23.60 4.08 -6.25
CA GLU B 166 -24.49 4.95 -7.00
C GLU B 166 -23.74 6.22 -7.36
N GLN B 167 -24.35 7.03 -8.23
CA GLN B 167 -23.63 8.11 -8.89
C GLN B 167 -23.27 9.20 -7.90
N ASP B 168 -22.01 9.65 -7.98
CA ASP B 168 -21.45 10.56 -6.99
C ASP B 168 -21.98 11.97 -7.22
N SER B 169 -22.36 12.64 -6.13
CA SER B 169 -22.93 13.98 -6.21
C SER B 169 -21.94 14.99 -6.80
N LYS B 170 -20.66 14.86 -6.49
CA LYS B 170 -19.74 15.95 -6.83
C LYS B 170 -19.11 15.83 -8.21
N ASP B 171 -18.82 14.61 -8.69
CA ASP B 171 -18.18 14.46 -9.99
C ASP B 171 -18.95 13.54 -10.94
N SER B 172 -20.19 13.16 -10.59
CA SER B 172 -21.11 12.43 -11.48
C SER B 172 -20.54 11.10 -11.97
N THR B 173 -19.82 10.40 -11.11
CA THR B 173 -19.11 9.20 -11.52
C THR B 173 -19.51 8.00 -10.68
N TYR B 174 -19.15 6.82 -11.17
CA TYR B 174 -19.47 5.54 -10.55
C TYR B 174 -18.20 4.81 -10.13
N SER B 175 -18.36 3.90 -9.18
CA SER B 175 -17.28 3.00 -8.76
C SER B 175 -17.84 1.59 -8.61
N LEU B 176 -17.05 0.61 -9.03
CA LEU B 176 -17.46 -0.80 -9.05
C LEU B 176 -16.42 -1.63 -8.31
N SER B 177 -16.89 -2.64 -7.59
CA SER B 177 -16.01 -3.60 -6.94
C SER B 177 -16.44 -5.00 -7.36
N SER B 178 -15.48 -5.84 -7.71
CA SER B 178 -15.74 -7.22 -8.10
C SER B 178 -14.95 -8.12 -7.16
N THR B 179 -15.66 -8.95 -6.40
CA THR B 179 -15.04 -9.82 -5.41
C THR B 179 -15.09 -11.25 -5.94
N LEU B 180 -13.92 -11.88 -6.02
CA LEU B 180 -13.78 -13.29 -6.38
C LEU B 180 -13.43 -14.05 -5.13
N THR B 181 -14.34 -14.89 -4.65
CA THR B 181 -14.17 -15.60 -3.39
C THR B 181 -14.03 -17.10 -3.68
N LEU B 182 -12.94 -17.69 -3.22
CA LEU B 182 -12.68 -19.11 -3.43
C LEU B 182 -12.07 -19.68 -2.15
N SER B 183 -11.84 -20.99 -2.15
CA SER B 183 -11.21 -21.62 -1.01
C SER B 183 -9.72 -21.29 -0.98
N LYS B 184 -9.11 -21.52 0.19
CA LYS B 184 -7.68 -21.28 0.34
C LYS B 184 -6.86 -22.27 -0.48
N ALA B 185 -7.38 -23.48 -0.68
CA ALA B 185 -6.69 -24.47 -1.50
C ALA B 185 -6.60 -24.04 -2.95
N ASP B 186 -7.69 -23.47 -3.49
CA ASP B 186 -7.66 -22.92 -4.84
C ASP B 186 -6.78 -21.69 -4.91
N TYR B 187 -6.66 -20.93 -3.82
CA TYR B 187 -5.81 -19.75 -3.82
C TYR B 187 -4.33 -20.13 -3.89
N GLU B 188 -3.93 -21.12 -3.08
CA GLU B 188 -2.53 -21.53 -3.06
C GLU B 188 -2.17 -22.47 -4.20
N LYS B 189 -3.16 -23.09 -4.83
CA LYS B 189 -2.87 -23.99 -5.96
C LYS B 189 -2.43 -23.20 -7.19
N HIS B 190 -3.13 -22.12 -7.51
CA HIS B 190 -2.76 -21.28 -8.63
C HIS B 190 -1.84 -20.15 -8.18
N LYS B 191 -1.21 -19.48 -9.14
CA LYS B 191 -0.16 -18.53 -8.82
C LYS B 191 -0.38 -17.11 -9.30
N VAL B 192 -0.95 -16.92 -10.50
CA VAL B 192 -1.15 -15.57 -11.06
C VAL B 192 -2.64 -15.28 -11.13
N TYR B 193 -3.02 -14.06 -10.77
CA TYR B 193 -4.40 -13.62 -10.73
C TYR B 193 -4.55 -12.31 -11.47
N ALA B 194 -5.53 -12.24 -12.37
CA ALA B 194 -5.68 -11.09 -13.24
C ALA B 194 -7.13 -10.68 -13.33
N CYS B 195 -7.35 -9.37 -13.31
CA CYS B 195 -8.66 -8.75 -13.45
C CYS B 195 -8.65 -8.03 -14.80
N GLU B 196 -9.58 -8.41 -15.67
CA GLU B 196 -9.64 -7.92 -17.04
C GLU B 196 -10.87 -7.01 -17.17
N VAL B 197 -10.67 -5.77 -17.57
CA VAL B 197 -11.71 -4.75 -17.61
C VAL B 197 -11.92 -4.31 -19.05
N THR B 198 -13.18 -4.33 -19.48
CA THR B 198 -13.61 -3.78 -20.76
C THR B 198 -14.55 -2.62 -20.47
N HIS B 199 -14.30 -1.48 -21.12
CA HIS B 199 -15.03 -0.25 -20.84
C HIS B 199 -14.92 0.67 -22.04
N GLN B 200 -15.89 1.59 -22.15
CA GLN B 200 -15.91 2.53 -23.26
C GLN B 200 -14.72 3.48 -23.24
N GLY B 201 -14.28 3.87 -22.03
CA GLY B 201 -13.16 4.79 -21.90
C GLY B 201 -11.80 4.19 -22.23
N LEU B 202 -11.73 2.89 -22.51
CA LEU B 202 -10.49 2.21 -22.86
C LEU B 202 -10.56 1.73 -24.30
N SER B 203 -9.46 1.94 -25.04
CA SER B 203 -9.38 1.44 -26.41
C SER B 203 -9.37 -0.08 -26.44
N SER B 204 -8.48 -0.69 -25.69
CA SER B 204 -8.33 -2.13 -25.53
C SER B 204 -8.73 -2.55 -24.13
N PRO B 205 -9.21 -3.79 -23.96
CA PRO B 205 -9.48 -4.29 -22.59
C PRO B 205 -8.18 -4.42 -21.79
N VAL B 206 -8.18 -3.81 -20.61
CA VAL B 206 -6.99 -3.67 -19.77
C VAL B 206 -6.94 -4.83 -18.77
N THR B 207 -5.74 -5.31 -18.45
CA THR B 207 -5.59 -6.43 -17.52
C THR B 207 -4.58 -6.06 -16.44
N LYS B 208 -4.95 -6.29 -15.17
CA LYS B 208 -4.05 -6.06 -14.05
C LYS B 208 -3.91 -7.32 -13.21
N SER B 209 -2.67 -7.64 -12.80
CA SER B 209 -2.37 -8.95 -12.21
C SER B 209 -1.53 -8.83 -10.95
N PHE B 210 -1.50 -9.93 -10.19
CA PHE B 210 -0.58 -10.10 -9.07
C PHE B 210 -0.24 -11.59 -8.96
N ASN B 211 0.89 -11.86 -8.30
CA ASN B 211 1.36 -13.23 -8.10
C ASN B 211 1.77 -13.44 -6.65
N ARG B 212 1.15 -14.43 -6.00
CA ARG B 212 1.49 -14.93 -4.65
C ARG B 212 1.73 -13.87 -3.58
N LEU C 11 -102.46 0.27 -20.06
CA LEU C 11 -101.51 -0.79 -20.42
C LEU C 11 -100.12 -0.48 -19.89
N SER C 12 -99.60 0.70 -20.22
CA SER C 12 -98.33 1.14 -19.67
C SER C 12 -98.50 1.44 -18.19
N TYR C 13 -97.56 0.95 -17.38
CA TYR C 13 -97.74 0.98 -15.93
C TYR C 13 -96.37 1.00 -15.26
N GLU C 14 -96.36 1.44 -14.00
CA GLU C 14 -95.15 1.42 -13.20
C GLU C 14 -94.95 0.05 -12.57
N THR C 15 -93.74 -0.50 -12.70
CA THR C 15 -93.45 -1.85 -12.28
C THR C 15 -92.43 -1.86 -11.15
N THR C 16 -92.48 -2.89 -10.32
CA THR C 16 -91.56 -3.09 -9.22
C THR C 16 -90.61 -4.25 -9.51
N GLU C 17 -89.47 -4.23 -8.86
CA GLU C 17 -88.37 -5.13 -9.21
C GLU C 17 -87.58 -5.49 -7.95
N SER C 18 -86.85 -6.60 -8.04
CA SER C 18 -86.04 -7.09 -6.93
C SER C 18 -84.66 -7.51 -7.44
N GLY C 19 -83.68 -7.50 -6.53
CA GLY C 19 -82.34 -7.98 -6.84
C GLY C 19 -81.22 -7.19 -6.18
N ASP C 20 -80.27 -7.91 -5.54
CA ASP C 20 -79.12 -7.30 -4.88
C ASP C 20 -77.82 -7.47 -5.64
N THR C 21 -77.57 -8.65 -6.21
CA THR C 21 -76.29 -8.90 -6.87
C THR C 21 -76.46 -9.99 -7.92
N ALA C 22 -75.42 -10.14 -8.75
CA ALA C 22 -75.35 -11.20 -9.74
C ALA C 22 -74.04 -11.97 -9.66
N VAL C 23 -73.27 -11.80 -8.59
CA VAL C 23 -71.96 -12.43 -8.42
C VAL C 23 -71.73 -12.60 -6.92
N SER C 24 -70.69 -13.34 -6.56
CA SER C 24 -70.35 -13.59 -5.17
C SER C 24 -69.98 -12.30 -4.43
N GLU C 25 -70.14 -12.32 -3.12
CA GLU C 25 -70.08 -11.11 -2.29
C GLU C 25 -69.34 -11.43 -1.00
N ASP C 26 -69.52 -10.55 0.00
CA ASP C 26 -68.91 -10.49 1.34
C ASP C 26 -67.49 -9.95 1.31
N SER C 27 -67.08 -9.33 0.21
CA SER C 27 -65.80 -8.63 0.07
C SER C 27 -66.05 -7.25 -0.55
N TYR C 28 -66.99 -6.52 0.07
CA TYR C 28 -67.69 -5.41 -0.58
C TYR C 28 -66.81 -4.22 -0.92
N ASP C 29 -65.67 -4.04 -0.23
CA ASP C 29 -64.84 -2.83 -0.35
C ASP C 29 -65.67 -1.57 -0.14
N LYS C 30 -66.01 -1.29 1.11
CA LYS C 30 -66.79 -0.10 1.45
C LYS C 30 -65.99 1.18 1.19
N TYR C 31 -66.71 2.24 0.83
CA TYR C 31 -66.14 3.58 0.74
C TYR C 31 -67.13 4.55 1.35
N ALA C 32 -66.59 5.61 1.97
CA ALA C 32 -67.43 6.72 2.37
C ALA C 32 -67.71 7.63 1.20
N SER C 33 -68.75 8.44 1.34
CA SER C 33 -69.00 9.43 0.32
C SER C 33 -68.03 10.60 0.47
N GLN C 34 -67.86 11.33 -0.61
CA GLN C 34 -67.04 12.53 -0.62
C GLN C 34 -67.92 13.70 -0.22
N ASN C 35 -67.69 14.23 1.00
CA ASN C 35 -68.56 15.25 1.57
C ASN C 35 -67.91 16.62 1.44
N THR C 36 -68.42 17.43 0.51
CA THR C 36 -68.00 18.82 0.33
C THR C 36 -68.98 19.76 1.04
N ASN C 37 -69.01 19.58 2.37
CA ASN C 37 -69.50 20.48 3.40
C ASN C 37 -71.02 20.65 3.51
N LYS C 38 -71.76 20.39 2.42
CA LYS C 38 -73.15 20.00 2.57
C LYS C 38 -73.56 19.08 1.43
N GLU C 39 -72.66 18.72 0.53
CA GLU C 39 -72.94 17.94 -0.66
C GLU C 39 -72.18 16.63 -0.54
N TYR C 40 -72.90 15.53 -0.50
CA TYR C 40 -72.31 14.21 -0.37
C TYR C 40 -72.35 13.56 -1.75
N VAL C 41 -71.21 13.03 -2.21
CA VAL C 41 -71.06 12.62 -3.60
C VAL C 41 -70.52 11.20 -3.67
N CYS C 42 -71.18 10.34 -4.46
CA CYS C 42 -70.65 9.04 -4.85
C CYS C 42 -70.34 9.10 -6.35
N ASP C 43 -69.05 9.18 -6.69
CA ASP C 43 -68.60 9.35 -8.08
C ASP C 43 -68.04 8.03 -8.58
N PHE C 44 -68.71 7.43 -9.56
CA PHE C 44 -68.36 6.10 -10.07
C PHE C 44 -67.72 6.15 -11.45
N THR C 45 -67.22 7.31 -11.88
CA THR C 45 -66.80 7.47 -13.27
C THR C 45 -65.54 6.66 -13.56
N ASP C 46 -64.56 6.71 -12.68
CA ASP C 46 -63.32 5.99 -12.88
C ASP C 46 -63.27 4.67 -12.12
N GLN C 47 -64.24 4.42 -11.25
CA GLN C 47 -64.17 3.33 -10.29
C GLN C 47 -64.81 2.05 -10.80
N LEU C 48 -65.57 2.10 -11.89
CA LEU C 48 -66.25 0.92 -12.42
C LEU C 48 -65.69 0.46 -13.77
N LYS C 49 -64.59 1.06 -14.23
CA LYS C 49 -64.01 0.65 -15.50
C LYS C 49 -63.45 -0.77 -15.38
N PRO C 50 -63.57 -1.58 -16.43
CA PRO C 50 -63.18 -3.01 -16.33
C PRO C 50 -61.67 -3.18 -16.19
N THR C 51 -61.24 -3.67 -15.02
CA THR C 51 -59.81 -3.81 -14.78
C THR C 51 -59.40 -5.24 -14.42
N GLU C 52 -60.04 -5.82 -13.41
CA GLU C 52 -59.64 -7.14 -12.97
C GLU C 52 -60.48 -8.16 -13.72
N SER C 53 -59.90 -9.33 -13.97
CA SER C 53 -60.70 -10.39 -14.54
C SER C 53 -61.72 -10.80 -13.49
N GLY C 54 -62.99 -10.76 -13.85
CA GLY C 54 -64.00 -10.98 -12.84
C GLY C 54 -64.44 -9.66 -12.24
N PRO C 55 -65.74 -9.54 -11.96
CA PRO C 55 -66.30 -8.33 -11.35
C PRO C 55 -66.00 -8.19 -9.87
N LYS C 56 -65.80 -6.93 -9.47
CA LYS C 56 -65.53 -6.56 -8.07
C LYS C 56 -66.61 -5.59 -7.62
N VAL C 57 -67.39 -5.99 -6.61
CA VAL C 57 -68.45 -5.14 -6.06
C VAL C 57 -67.82 -4.00 -5.27
N LYS C 58 -68.28 -2.77 -5.52
CA LYS C 58 -67.84 -1.58 -4.80
C LYS C 58 -69.02 -0.82 -4.22
N LYS C 59 -68.96 -0.48 -2.93
CA LYS C 59 -70.08 0.05 -2.17
C LYS C 59 -69.75 1.43 -1.61
N CYS C 60 -70.45 2.46 -2.10
CA CYS C 60 -70.36 3.80 -1.53
C CYS C 60 -71.39 3.94 -0.42
N GLU C 61 -70.98 4.58 0.68
CA GLU C 61 -71.78 4.65 1.90
C GLU C 61 -71.98 6.10 2.29
N VAL C 62 -73.21 6.59 2.14
CA VAL C 62 -73.62 7.92 2.53
C VAL C 62 -74.27 7.85 3.90
N LYS C 63 -73.76 8.63 4.86
CA LYS C 63 -74.32 8.66 6.21
C LYS C 63 -74.77 10.07 6.53
N VAL C 64 -76.06 10.23 6.83
CA VAL C 64 -76.68 11.53 7.05
C VAL C 64 -77.26 11.60 8.45
N ASN C 65 -76.74 12.52 9.27
CA ASN C 65 -77.37 12.79 10.57
C ASN C 65 -77.65 14.27 10.78
N GLU C 66 -77.63 15.08 9.73
CA GLU C 66 -77.85 16.51 9.78
C GLU C 66 -78.85 16.94 8.72
N PRO C 67 -79.56 18.05 8.92
CA PRO C 67 -80.57 18.47 7.94
C PRO C 67 -79.97 18.99 6.65
N LEU C 68 -80.76 18.85 5.58
CA LEU C 68 -80.57 19.51 4.29
C LEU C 68 -79.27 19.06 3.59
N ILE C 69 -78.96 17.78 3.69
CA ILE C 69 -77.79 17.24 3.00
C ILE C 69 -78.17 16.92 1.56
N LYS C 70 -77.49 17.54 0.60
CA LYS C 70 -77.63 17.16 -0.78
C LYS C 70 -76.82 15.90 -1.06
N VAL C 71 -77.43 14.95 -1.77
CA VAL C 71 -76.80 13.70 -2.15
C VAL C 71 -76.75 13.67 -3.68
N LYS C 72 -75.54 13.55 -4.22
CA LYS C 72 -75.28 13.49 -5.65
C LYS C 72 -74.66 12.13 -5.98
N ILE C 73 -75.22 11.45 -6.96
CA ILE C 73 -74.70 10.16 -7.40
C ILE C 73 -74.47 10.22 -8.90
N ILE C 74 -73.23 10.01 -9.32
CA ILE C 74 -72.81 10.12 -10.71
C ILE C 74 -72.55 8.72 -11.25
N CYS C 75 -73.19 8.40 -12.37
CA CYS C 75 -72.99 7.14 -13.07
C CYS C 75 -72.58 7.42 -14.51
N PRO C 76 -71.58 6.72 -15.03
CA PRO C 76 -71.23 6.89 -16.45
C PRO C 76 -72.30 6.28 -17.36
N LEU C 77 -72.38 6.83 -18.56
CA LEU C 77 -73.46 6.49 -19.47
C LEU C 77 -73.06 5.37 -20.42
N LYS C 78 -74.06 4.78 -21.07
CA LYS C 78 -73.83 3.67 -21.99
C LYS C 78 -73.24 4.23 -23.28
N GLY C 79 -71.96 3.97 -23.51
CA GLY C 79 -71.27 4.59 -24.62
C GLY C 79 -70.80 5.99 -24.33
N SER C 80 -70.69 6.37 -23.06
CA SER C 80 -70.07 7.65 -22.69
C SER C 80 -68.61 7.69 -23.11
N VAL C 81 -67.87 6.63 -22.79
CA VAL C 81 -66.55 6.38 -23.37
C VAL C 81 -66.66 5.05 -24.12
N GLU C 82 -65.90 4.93 -25.21
CA GLU C 82 -66.03 3.77 -26.09
C GLU C 82 -65.51 2.50 -25.41
N LYS C 83 -66.27 1.40 -25.55
CA LYS C 83 -65.94 0.02 -25.18
C LYS C 83 -65.90 -0.23 -23.68
N LEU C 84 -66.12 0.78 -22.84
CA LEU C 84 -66.00 0.58 -21.39
C LEU C 84 -67.32 0.47 -20.66
N TYR C 85 -68.42 0.93 -21.26
CA TYR C 85 -69.72 0.94 -20.60
C TYR C 85 -70.82 0.43 -21.51
N ASP C 86 -70.52 -0.58 -22.33
CA ASP C 86 -71.51 -1.08 -23.27
C ASP C 86 -72.59 -1.93 -22.62
N ASN C 87 -72.44 -2.29 -21.34
CA ASN C 87 -73.45 -3.07 -20.61
C ASN C 87 -73.66 -2.50 -19.21
N ILE C 88 -73.65 -1.18 -19.08
CA ILE C 88 -73.99 -0.54 -17.82
C ILE C 88 -75.50 -0.59 -17.59
N GLU C 89 -75.92 -0.87 -16.35
CA GLU C 89 -77.32 -0.80 -15.96
C GLU C 89 -77.44 0.01 -14.67
N TYR C 90 -78.58 0.69 -14.50
CA TYR C 90 -78.85 1.39 -13.26
C TYR C 90 -80.24 1.03 -12.76
N VAL C 91 -80.34 0.68 -11.49
CA VAL C 91 -81.65 0.45 -10.87
C VAL C 91 -81.76 1.26 -9.58
N PRO C 92 -82.94 1.84 -9.28
CA PRO C 92 -84.15 1.94 -10.10
C PRO C 92 -84.06 2.92 -11.27
N LYS C 93 -84.86 2.68 -12.32
CA LYS C 93 -84.82 3.52 -13.51
C LYS C 93 -85.39 4.91 -13.23
N LYS C 94 -86.43 4.99 -12.39
CA LYS C 94 -87.04 6.26 -11.98
C LYS C 94 -86.33 6.91 -10.80
N SER C 95 -85.06 6.61 -10.57
CA SER C 95 -84.30 7.29 -9.52
C SER C 95 -84.23 8.79 -9.82
N PRO C 96 -84.32 9.65 -8.80
CA PRO C 96 -84.43 9.34 -7.37
C PRO C 96 -85.87 9.19 -6.85
N TYR C 97 -86.88 9.23 -7.73
CA TYR C 97 -88.26 9.08 -7.27
C TYR C 97 -88.53 7.68 -6.73
N VAL C 98 -87.84 6.67 -7.27
CA VAL C 98 -87.94 5.30 -6.78
C VAL C 98 -86.56 4.88 -6.28
N VAL C 99 -86.53 4.31 -5.07
CA VAL C 99 -85.30 3.82 -4.47
C VAL C 99 -85.48 2.34 -4.17
N LEU C 100 -84.39 1.70 -3.76
CA LEU C 100 -84.39 0.29 -3.42
C LEU C 100 -84.28 0.16 -1.91
N THR C 101 -85.11 -0.68 -1.31
CA THR C 101 -85.09 -0.92 0.12
C THR C 101 -84.97 -2.41 0.39
N LYS C 102 -84.27 -2.76 1.47
CA LYS C 102 -84.01 -4.16 1.79
C LYS C 102 -84.98 -4.64 2.86
N GLU C 103 -85.71 -5.72 2.58
CA GLU C 103 -86.59 -6.33 3.55
C GLU C 103 -86.27 -7.78 3.83
N GLU C 104 -86.13 -8.61 2.79
CA GLU C 104 -85.88 -10.04 2.92
C GLU C 104 -84.52 -10.42 2.34
N THR C 105 -83.52 -9.56 2.58
CA THR C 105 -82.21 -9.56 1.91
C THR C 105 -82.33 -9.45 0.38
N LYS C 106 -83.48 -9.01 -0.11
CA LYS C 106 -83.70 -8.67 -1.51
C LYS C 106 -84.08 -7.21 -1.58
N LEU C 107 -83.53 -6.49 -2.55
CA LEU C 107 -83.80 -5.06 -2.65
C LEU C 107 -85.06 -4.89 -3.50
N LYS C 108 -86.13 -4.44 -2.86
CA LYS C 108 -87.40 -4.22 -3.54
C LYS C 108 -87.61 -2.72 -3.75
N GLU C 109 -88.26 -2.39 -4.85
CA GLU C 109 -88.47 -1.00 -5.23
C GLU C 109 -89.56 -0.35 -4.39
N LYS C 110 -89.23 0.76 -3.74
CA LYS C 110 -90.19 1.55 -2.99
C LYS C 110 -90.03 3.01 -3.38
N LEU C 111 -90.99 3.83 -2.98
CA LEU C 111 -91.06 5.23 -3.37
C LEU C 111 -90.46 6.11 -2.28
N LEU C 112 -89.64 7.08 -2.70
CA LEU C 112 -88.89 7.88 -1.75
C LEU C 112 -89.76 8.89 -1.03
N SER C 113 -90.84 9.36 -1.67
CA SER C 113 -91.72 10.34 -1.04
C SER C 113 -92.63 9.71 0.01
N LYS C 114 -92.91 8.40 -0.09
CA LYS C 114 -93.57 7.69 1.00
C LYS C 114 -92.58 7.37 2.13
N LEU C 115 -91.32 7.18 1.77
CA LEU C 115 -90.33 6.66 2.72
C LEU C 115 -89.84 7.75 3.67
N ILE C 116 -89.56 8.95 3.16
CA ILE C 116 -89.35 10.13 3.98
C ILE C 116 -90.45 11.13 3.65
N TYR C 117 -91.26 11.48 4.66
CA TYR C 117 -92.42 12.33 4.44
C TYR C 117 -92.01 13.77 4.21
N GLY C 118 -92.63 14.41 3.23
CA GLY C 118 -92.35 15.80 2.91
C GLY C 118 -91.16 16.03 2.03
N LEU C 119 -90.60 14.98 1.43
CA LEU C 119 -89.38 15.10 0.65
C LEU C 119 -89.68 15.65 -0.73
N LEU C 120 -88.84 16.57 -1.18
CA LEU C 120 -89.00 17.27 -2.44
C LEU C 120 -87.86 16.90 -3.39
N ILE C 121 -88.22 16.57 -4.63
CA ILE C 121 -87.25 16.22 -5.68
C ILE C 121 -87.40 17.21 -6.83
N SER C 122 -86.33 17.95 -7.11
CA SER C 122 -86.32 18.82 -8.28
C SER C 122 -86.25 17.98 -9.55
N PRO C 123 -87.07 18.26 -10.57
CA PRO C 123 -87.07 17.41 -11.76
C PRO C 123 -85.92 17.65 -12.72
N THR C 124 -85.21 18.77 -12.60
CA THR C 124 -84.05 19.07 -13.43
C THR C 124 -82.83 19.31 -12.56
N VAL C 125 -81.77 18.52 -12.76
CA VAL C 125 -80.62 18.69 -11.89
C VAL C 125 -79.85 19.97 -12.24
N ASN C 126 -79.36 20.11 -13.48
CA ASN C 126 -78.73 21.34 -13.97
C ASN C 126 -79.18 21.55 -15.42
N GLU C 127 -80.38 22.08 -15.64
CA GLU C 127 -81.04 22.23 -16.95
C GLU C 127 -81.24 20.91 -17.70
N LYS C 128 -80.85 19.77 -17.13
CA LYS C 128 -81.06 18.46 -17.72
C LYS C 128 -81.90 17.65 -16.74
N GLU C 129 -82.51 16.59 -17.25
CA GLU C 129 -83.45 15.82 -16.43
C GLU C 129 -82.74 15.13 -15.27
N ASN C 130 -83.36 15.21 -14.09
CA ASN C 130 -82.84 14.58 -12.87
C ASN C 130 -83.08 13.08 -12.97
N ASN C 131 -82.18 12.41 -13.70
CA ASN C 131 -82.29 10.99 -13.94
C ASN C 131 -80.92 10.46 -14.35
N PHE C 132 -80.76 9.14 -14.24
CA PHE C 132 -79.53 8.48 -14.68
C PHE C 132 -79.37 8.47 -16.19
N LYS C 133 -80.39 8.88 -16.95
CA LYS C 133 -80.23 9.06 -18.38
C LYS C 133 -79.23 10.17 -18.70
N GLU C 134 -79.15 11.18 -17.83
CA GLU C 134 -78.21 12.28 -17.99
C GLU C 134 -76.97 12.12 -17.12
N GLY C 135 -76.80 10.98 -16.44
CA GLY C 135 -75.56 10.64 -15.79
C GLY C 135 -75.58 10.84 -14.28
N VAL C 136 -76.32 11.83 -13.79
CA VAL C 136 -76.22 12.27 -12.41
C VAL C 136 -77.62 12.42 -11.82
N ILE C 137 -77.83 11.87 -10.62
CA ILE C 137 -79.04 12.13 -9.85
C ILE C 137 -78.64 12.89 -8.58
N GLU C 138 -79.63 13.54 -7.98
CA GLU C 138 -79.37 14.54 -6.95
C GLU C 138 -80.65 14.79 -6.16
N PHE C 139 -80.58 14.63 -4.85
CA PHE C 139 -81.75 14.91 -4.00
C PHE C 139 -81.31 15.50 -2.68
N THR C 140 -82.18 16.33 -2.09
CA THR C 140 -81.89 17.00 -0.83
C THR C 140 -82.85 16.51 0.23
N LEU C 141 -82.30 16.03 1.35
CA LEU C 141 -83.10 15.50 2.44
C LEU C 141 -83.77 16.64 3.22
N PRO C 142 -84.94 16.39 3.80
CA PRO C 142 -85.73 17.48 4.41
C PRO C 142 -85.13 17.94 5.73
N PRO C 143 -85.65 19.01 6.35
CA PRO C 143 -85.09 19.44 7.64
C PRO C 143 -85.26 18.43 8.77
N VAL C 144 -86.32 17.64 8.78
CA VAL C 144 -86.58 16.68 9.85
C VAL C 144 -86.85 15.32 9.22
N VAL C 145 -86.14 14.30 9.70
CA VAL C 145 -86.47 12.91 9.43
C VAL C 145 -86.71 12.24 10.78
N HIS C 146 -87.85 11.57 10.92
CA HIS C 146 -88.28 11.08 12.22
C HIS C 146 -87.80 9.67 12.54
N LYS C 147 -87.62 8.81 11.53
CA LYS C 147 -87.14 7.46 11.76
C LYS C 147 -85.96 7.17 10.84
N ALA C 148 -85.07 6.29 11.31
CA ALA C 148 -83.89 5.93 10.55
C ALA C 148 -84.27 5.17 9.29
N THR C 149 -83.56 5.43 8.21
CA THR C 149 -83.94 4.89 6.91
C THR C 149 -82.71 4.52 6.10
N VAL C 150 -82.72 3.34 5.49
CA VAL C 150 -81.67 2.95 4.56
C VAL C 150 -82.31 2.70 3.20
N PHE C 151 -81.67 3.22 2.15
CA PHE C 151 -82.11 2.90 0.79
C PHE C 151 -80.92 2.86 -0.15
N TYR C 152 -81.15 2.32 -1.35
CA TYR C 152 -80.06 1.83 -2.18
C TYR C 152 -80.25 2.21 -3.65
N PHE C 153 -79.12 2.32 -4.35
CA PHE C 153 -79.07 2.45 -5.80
C PHE C 153 -77.98 1.54 -6.35
N ILE C 154 -78.14 1.06 -7.58
CA ILE C 154 -77.14 0.18 -8.18
C ILE C 154 -76.75 0.70 -9.57
N CYS C 155 -75.43 0.72 -9.84
CA CYS C 155 -74.82 1.00 -11.14
C CYS C 155 -73.93 -0.20 -11.49
N ASP C 156 -74.46 -1.10 -12.31
CA ASP C 156 -73.86 -2.40 -12.59
C ASP C 156 -73.18 -2.37 -13.96
N ASN C 157 -71.85 -2.24 -13.95
CA ASN C 157 -71.04 -2.38 -15.15
C ASN C 157 -70.46 -3.79 -15.30
N SER C 158 -70.84 -4.71 -14.41
CA SER C 158 -70.20 -6.02 -14.34
C SER C 158 -70.53 -6.95 -15.50
N LYS C 159 -71.37 -6.53 -16.44
CA LYS C 159 -71.58 -7.29 -17.66
C LYS C 159 -70.81 -6.73 -18.84
N THR C 160 -70.12 -5.60 -18.67
CA THR C 160 -69.29 -5.05 -19.73
C THR C 160 -67.93 -5.74 -19.71
N GLU C 161 -67.46 -6.18 -20.87
CA GLU C 161 -66.19 -6.87 -20.95
C GLU C 161 -65.36 -6.30 -22.09
N ASP C 162 -64.19 -5.74 -21.75
CA ASP C 162 -63.21 -5.27 -22.73
C ASP C 162 -61.86 -5.86 -22.39
N ASP C 163 -61.17 -6.37 -23.42
CA ASP C 163 -59.86 -7.03 -23.31
C ASP C 163 -59.84 -8.11 -22.22
N ASN C 164 -60.90 -8.94 -22.22
CA ASN C 164 -61.09 -10.07 -21.31
C ASN C 164 -61.21 -9.63 -19.84
N LYS C 165 -61.53 -8.37 -19.59
CA LYS C 165 -61.69 -7.84 -18.25
C LYS C 165 -63.12 -7.35 -18.07
N LYS C 166 -63.75 -7.73 -16.96
CA LYS C 166 -65.13 -7.37 -16.67
C LYS C 166 -65.21 -6.13 -15.77
N GLY C 167 -66.36 -5.47 -15.82
CA GLY C 167 -66.60 -4.25 -15.07
C GLY C 167 -66.97 -4.52 -13.63
N ASN C 168 -67.51 -3.48 -12.98
CA ASN C 168 -67.75 -3.49 -11.55
C ASN C 168 -69.21 -3.20 -11.26
N ARG C 169 -69.71 -3.77 -10.15
CA ARG C 169 -71.04 -3.50 -9.64
C ARG C 169 -70.93 -2.51 -8.48
N GLY C 170 -71.27 -1.25 -8.73
CA GLY C 170 -71.30 -0.26 -7.67
C GLY C 170 -72.69 -0.14 -7.08
N ILE C 171 -72.74 -0.06 -5.76
CA ILE C 171 -73.99 0.17 -5.05
C ILE C 171 -73.81 1.40 -4.17
N VAL C 172 -74.89 2.15 -4.00
CA VAL C 172 -74.94 3.30 -3.11
C VAL C 172 -75.91 2.97 -1.98
N GLU C 173 -75.43 3.09 -0.74
CA GLU C 173 -76.25 2.89 0.45
C GLU C 173 -76.38 4.25 1.15
N VAL C 174 -77.57 4.82 1.09
CA VAL C 174 -77.88 6.05 1.83
C VAL C 174 -78.52 5.65 3.15
N TYR C 175 -77.86 6.01 4.25
CA TYR C 175 -78.30 5.72 5.61
C TYR C 175 -78.57 7.04 6.30
N VAL C 176 -79.84 7.32 6.56
CA VAL C 176 -80.30 8.55 7.20
C VAL C 176 -80.62 8.22 8.64
N GLU C 177 -79.86 8.80 9.57
CA GLU C 177 -80.19 8.73 10.98
C GLU C 177 -81.30 9.73 11.28
N PRO C 178 -82.07 9.53 12.35
CA PRO C 178 -83.03 10.56 12.75
C PRO C 178 -82.34 11.86 13.15
N TYR C 179 -82.83 12.96 12.59
CA TYR C 179 -82.35 14.29 12.91
C TYR C 179 -83.54 15.24 12.90
N GLY C 180 -83.39 16.39 13.56
CA GLY C 180 -84.43 17.39 13.55
C GLY C 180 -84.88 17.86 14.91
N GLY C 181 -84.42 17.17 15.95
CA GLY C 181 -84.72 17.58 17.30
C GLY C 181 -86.14 17.21 17.73
N SER C 182 -86.47 17.60 18.94
CA SER C 182 -87.80 17.33 19.50
C SER C 182 -88.82 18.34 18.97
N LEU C 183 -90.10 18.00 19.18
CA LEU C 183 -91.19 18.81 18.62
C LEU C 183 -91.29 20.16 19.32
N LYS C 184 -91.35 20.15 20.65
CA LYS C 184 -91.34 21.39 21.41
C LYS C 184 -89.92 21.98 21.41
N GLU C 185 -89.85 23.27 21.78
CA GLU C 185 -88.68 24.15 21.65
C GLU C 185 -88.19 24.26 20.20
N ASN C 186 -89.05 23.93 19.25
CA ASN C 186 -88.85 24.19 17.84
C ASN C 186 -90.10 24.94 17.40
N LEU C 187 -90.11 26.25 17.65
CA LEU C 187 -91.27 27.09 17.38
C LEU C 187 -91.47 27.30 15.90
N TYR C 188 -90.47 26.95 15.09
CA TYR C 188 -90.49 27.14 13.64
C TYR C 188 -90.99 25.91 12.89
N PHE C 189 -90.80 24.72 13.44
CA PHE C 189 -91.26 23.50 12.79
C PHE C 189 -92.40 22.82 13.56
N GLN C 190 -93.05 23.54 14.48
CA GLN C 190 -93.99 22.94 15.41
C GLN C 190 -95.32 22.60 14.75
N GLY C 191 -95.97 23.62 14.20
CA GLY C 191 -97.30 23.46 13.64
C GLY C 191 -98.16 24.68 13.94
N TRP C 192 -99.41 24.64 13.46
CA TRP C 192 -100.49 25.63 13.59
C TRP C 192 -100.29 26.89 12.75
N SER C 193 -99.10 27.09 12.19
CA SER C 193 -98.87 28.11 11.17
C SER C 193 -97.80 27.71 10.17
N HIS C 194 -97.25 26.51 10.27
CA HIS C 194 -95.89 26.16 9.91
C HIS C 194 -95.88 25.12 8.76
N PRO C 195 -94.70 24.88 8.10
CA PRO C 195 -94.57 23.94 6.98
C PRO C 195 -95.22 22.57 7.08
N ASP D 1 48.53 -16.08 -16.30
CA ASP D 1 49.90 -15.58 -16.29
C ASP D 1 49.91 -14.05 -16.21
N VAL D 2 49.10 -13.53 -15.30
CA VAL D 2 49.00 -12.09 -15.08
C VAL D 2 50.11 -11.66 -14.13
N GLN D 3 50.91 -10.68 -14.55
CA GLN D 3 52.02 -10.20 -13.75
C GLN D 3 51.96 -8.69 -13.56
N LEU D 4 52.23 -8.27 -12.33
CA LEU D 4 52.25 -6.87 -11.91
C LEU D 4 53.56 -6.70 -11.15
N VAL D 5 54.56 -6.11 -11.79
CA VAL D 5 55.87 -5.94 -11.20
C VAL D 5 55.98 -4.50 -10.72
N GLU D 6 55.99 -4.31 -9.41
CA GLU D 6 56.24 -3.00 -8.84
C GLU D 6 57.74 -2.71 -8.83
N SER D 7 58.07 -1.43 -8.92
CA SER D 7 59.45 -0.98 -8.91
C SER D 7 59.47 0.44 -8.37
N GLY D 8 60.65 0.88 -7.96
CA GLY D 8 60.85 2.24 -7.52
C GLY D 8 60.93 2.43 -6.02
N GLY D 9 60.79 1.36 -5.24
CA GLY D 9 60.85 1.47 -3.79
C GLY D 9 62.26 1.63 -3.29
N GLY D 10 62.39 1.97 -2.01
CA GLY D 10 63.70 2.14 -1.44
C GLY D 10 63.67 3.06 -0.23
N LEU D 11 64.87 3.53 0.14
CA LEU D 11 65.07 4.44 1.26
C LEU D 11 65.02 5.88 0.78
N VAL D 12 64.26 6.70 1.48
CA VAL D 12 64.23 8.14 1.24
C VAL D 12 64.23 8.87 2.58
N LYS D 13 64.95 9.99 2.65
CA LYS D 13 64.92 10.83 3.84
C LYS D 13 63.58 11.56 3.92
N PRO D 14 63.18 12.01 5.12
CA PRO D 14 61.92 12.74 5.26
C PRO D 14 61.95 14.07 4.50
N GLY D 15 60.85 14.35 3.81
CA GLY D 15 60.74 15.48 2.92
C GLY D 15 61.08 15.18 1.49
N GLY D 16 61.76 14.05 1.24
CA GLY D 16 62.17 13.69 -0.09
C GLY D 16 61.05 13.08 -0.89
N SER D 17 61.40 12.56 -2.06
CA SER D 17 60.42 12.11 -3.02
C SER D 17 60.87 10.80 -3.64
N LEU D 18 59.92 10.13 -4.28
CA LEU D 18 60.15 8.80 -4.83
C LEU D 18 59.08 8.57 -5.90
N ARG D 19 59.39 7.69 -6.86
CA ARG D 19 58.45 7.42 -7.95
C ARG D 19 58.36 5.92 -8.17
N LEU D 20 57.20 5.34 -7.85
CA LEU D 20 56.99 3.93 -8.08
C LEU D 20 56.32 3.70 -9.42
N SER D 21 56.69 2.60 -10.07
CA SER D 21 56.12 2.18 -11.32
C SER D 21 55.61 0.75 -11.16
N CYS D 22 54.67 0.38 -12.01
CA CYS D 22 54.06 -0.94 -12.00
C CYS D 22 53.96 -1.37 -13.46
N ALA D 23 54.80 -2.32 -13.85
CA ALA D 23 54.78 -2.86 -15.20
C ALA D 23 53.86 -4.07 -15.21
N ALA D 24 52.86 -4.05 -16.10
CA ALA D 24 51.83 -5.06 -16.13
C ALA D 24 51.92 -5.87 -17.42
N SER D 25 51.53 -7.14 -17.32
CA SER D 25 51.51 -8.03 -18.48
C SER D 25 50.50 -9.13 -18.24
N GLY D 26 49.98 -9.68 -19.34
CA GLY D 26 49.08 -10.82 -19.27
C GLY D 26 47.61 -10.50 -19.35
N PHE D 27 47.24 -9.24 -19.54
CA PHE D 27 45.84 -8.85 -19.62
C PHE D 27 45.74 -7.53 -20.38
N THR D 28 44.54 -7.23 -20.85
CA THR D 28 44.31 -5.98 -21.59
C THR D 28 44.28 -4.84 -20.59
N PHE D 29 45.39 -4.08 -20.54
CA PHE D 29 45.64 -3.13 -19.46
C PHE D 29 44.68 -1.95 -19.51
N ASN D 30 44.16 -1.61 -20.69
CA ASN D 30 43.37 -0.40 -20.87
C ASN D 30 41.98 -0.49 -20.26
N SER D 31 41.51 -1.68 -19.91
CA SER D 31 40.17 -1.89 -19.39
C SER D 31 40.16 -2.19 -17.89
N TYR D 32 41.13 -1.68 -17.16
CA TYR D 32 41.24 -1.96 -15.73
C TYR D 32 41.55 -0.68 -14.99
N THR D 33 40.80 -0.42 -13.91
CA THR D 33 41.13 0.67 -13.01
C THR D 33 42.35 0.25 -12.20
N MET D 34 43.40 1.08 -12.22
CA MET D 34 44.64 0.73 -11.54
C MET D 34 44.73 1.46 -10.20
N ASN D 35 45.30 0.78 -9.21
CA ASN D 35 45.23 1.25 -7.84
C ASN D 35 46.54 1.00 -7.11
N TRP D 36 46.83 1.86 -6.14
CA TRP D 36 47.91 1.65 -5.18
C TRP D 36 47.29 1.51 -3.80
N VAL D 37 47.68 0.43 -3.11
CA VAL D 37 47.26 0.12 -1.74
C VAL D 37 48.50 -0.17 -0.92
N ARG D 38 48.61 0.46 0.26
CA ARG D 38 49.81 0.27 1.07
C ARG D 38 49.50 -0.48 2.36
N GLN D 39 50.56 -1.09 2.92
CA GLN D 39 50.48 -1.84 4.16
C GLN D 39 51.69 -1.46 5.01
N ALA D 40 51.44 -0.80 6.13
CA ALA D 40 52.51 -0.48 7.07
C ALA D 40 53.04 -1.77 7.70
N PRO D 41 54.30 -1.78 8.15
CA PRO D 41 54.84 -2.98 8.82
C PRO D 41 54.09 -3.29 10.10
N GLY D 42 53.46 -4.47 10.13
CA GLY D 42 52.70 -4.92 11.26
C GLY D 42 51.23 -4.56 11.24
N LYS D 43 50.81 -3.71 10.31
CA LYS D 43 49.46 -3.16 10.31
C LYS D 43 48.72 -3.62 9.05
N GLY D 44 47.51 -3.09 8.86
CA GLY D 44 46.59 -3.58 7.87
C GLY D 44 46.73 -2.88 6.52
N LEU D 45 45.81 -3.26 5.61
CA LEU D 45 45.78 -2.70 4.27
C LEU D 45 45.11 -1.33 4.27
N GLU D 46 45.72 -0.38 3.55
CA GLU D 46 45.16 0.96 3.42
C GLU D 46 45.26 1.40 1.97
N TRP D 47 44.12 1.76 1.38
CA TRP D 47 44.08 2.22 0.00
C TRP D 47 44.68 3.61 -0.12
N VAL D 48 45.51 3.81 -1.15
CA VAL D 48 46.23 5.06 -1.35
C VAL D 48 45.67 5.84 -2.52
N SER D 49 45.62 5.24 -3.70
CA SER D 49 45.18 6.01 -4.86
C SER D 49 44.59 5.10 -5.92
N SER D 50 43.87 5.72 -6.86
CA SER D 50 43.18 4.98 -7.91
C SER D 50 42.98 5.86 -9.13
N ILE D 51 43.07 5.23 -10.29
CA ILE D 51 42.86 5.88 -11.58
C ILE D 51 42.00 4.98 -12.46
N SER D 52 40.93 5.53 -13.00
CA SER D 52 39.97 4.75 -13.76
C SER D 52 40.48 4.48 -15.18
N THR D 53 39.68 3.74 -15.95
CA THR D 53 40.00 3.55 -17.36
C THR D 53 39.83 4.86 -18.12
N ASN D 54 38.84 5.65 -17.74
CA ASN D 54 38.78 7.06 -18.13
C ASN D 54 39.58 7.84 -17.10
N ILE D 55 40.62 8.54 -17.56
CA ILE D 55 41.58 9.14 -16.63
C ILE D 55 41.13 10.50 -16.11
N ARG D 56 39.87 10.86 -16.38
CA ARG D 56 39.31 12.04 -15.74
C ARG D 56 39.11 11.83 -14.24
N TYR D 57 38.85 10.60 -13.82
CA TYR D 57 38.44 10.28 -12.46
C TYR D 57 39.62 9.72 -11.69
N ILE D 58 40.30 10.60 -10.96
CA ILE D 58 41.45 10.28 -10.11
C ILE D 58 41.01 10.41 -8.66
N TYR D 59 41.39 9.43 -7.83
CA TYR D 59 40.98 9.47 -6.43
C TYR D 59 42.18 9.19 -5.53
N TYR D 60 42.31 9.98 -4.46
CA TYR D 60 43.38 9.84 -3.48
C TYR D 60 42.80 9.66 -2.08
N ALA D 61 43.58 8.99 -1.23
CA ALA D 61 43.32 9.06 0.20
C ALA D 61 43.61 10.47 0.71
N ASP D 62 42.91 10.86 1.78
CA ASP D 62 43.02 12.23 2.26
C ASP D 62 44.37 12.51 2.89
N SER D 63 45.04 11.49 3.42
CA SER D 63 46.36 11.69 4.02
C SER D 63 47.46 11.90 2.99
N VAL D 64 47.21 11.59 1.72
CA VAL D 64 48.25 11.66 0.69
C VAL D 64 47.94 12.66 -0.41
N LYS D 65 46.76 13.26 -0.44
CA LYS D 65 46.44 14.20 -1.51
C LYS D 65 47.16 15.52 -1.28
N GLY D 66 47.62 16.12 -2.37
CA GLY D 66 48.55 17.24 -2.30
C GLY D 66 50.00 16.81 -2.20
N ARG D 67 50.26 15.52 -2.12
CA ARG D 67 51.62 14.99 -2.02
C ARG D 67 51.84 13.92 -3.09
N PHE D 68 50.79 13.17 -3.41
CA PHE D 68 50.88 12.01 -4.27
C PHE D 68 50.21 12.31 -5.60
N THR D 69 50.66 11.60 -6.64
CA THR D 69 50.15 11.80 -7.99
C THR D 69 50.15 10.47 -8.72
N ILE D 70 48.97 9.99 -9.11
CA ILE D 70 48.85 8.73 -9.84
C ILE D 70 48.69 9.03 -11.32
N SER D 71 49.26 8.16 -12.16
CA SER D 71 49.15 8.30 -13.61
C SER D 71 49.29 6.93 -14.24
N ARG D 72 48.99 6.85 -15.54
CA ARG D 72 49.05 5.57 -16.23
C ARG D 72 49.48 5.81 -17.68
N ASP D 73 50.23 4.85 -18.21
CA ASP D 73 50.65 4.85 -19.61
C ASP D 73 50.10 3.58 -20.23
N ASN D 74 49.07 3.75 -21.06
CA ASN D 74 48.33 2.62 -21.61
C ASN D 74 49.07 1.94 -22.75
N ALA D 75 49.97 2.65 -23.44
CA ALA D 75 50.74 2.05 -24.51
C ALA D 75 51.87 1.19 -23.97
N LYS D 76 52.41 1.58 -22.82
CA LYS D 76 53.48 0.86 -22.16
C LYS D 76 52.96 -0.14 -21.12
N ASN D 77 51.64 -0.15 -20.87
CA ASN D 77 51.00 -0.95 -19.83
C ASN D 77 51.66 -0.75 -18.47
N SER D 78 51.74 0.52 -18.07
CA SER D 78 52.45 0.87 -16.85
C SER D 78 51.62 1.82 -15.99
N LEU D 79 51.89 1.79 -14.69
CA LEU D 79 51.18 2.60 -13.70
C LEU D 79 52.20 3.31 -12.83
N PHE D 80 51.95 4.58 -12.51
CA PHE D 80 52.93 5.38 -11.79
C PHE D 80 52.30 6.06 -10.59
N LEU D 81 53.08 6.14 -9.51
CA LEU D 81 52.73 6.92 -8.33
C LEU D 81 53.95 7.74 -7.94
N GLN D 82 53.85 9.05 -8.12
CA GLN D 82 54.84 9.99 -7.63
C GLN D 82 54.48 10.37 -6.21
N MET D 83 55.41 10.19 -5.27
CA MET D 83 55.20 10.56 -3.88
C MET D 83 56.22 11.63 -3.53
N ASP D 84 55.74 12.85 -3.33
CA ASP D 84 56.58 13.95 -2.90
C ASP D 84 56.20 14.30 -1.47
N SER D 85 57.16 14.93 -0.77
CA SER D 85 56.99 15.38 0.62
C SER D 85 56.62 14.22 1.54
N LEU D 86 57.45 13.18 1.52
CA LEU D 86 57.15 11.93 2.22
C LEU D 86 57.38 12.09 3.71
N ARG D 87 56.37 11.68 4.49
CA ARG D 87 56.49 11.65 5.94
C ARG D 87 56.92 10.26 6.39
N ALA D 88 57.27 10.16 7.68
CA ALA D 88 57.61 8.86 8.26
C ALA D 88 56.41 7.91 8.30
N GLU D 89 55.20 8.46 8.30
CA GLU D 89 53.98 7.67 8.25
C GLU D 89 53.85 6.89 6.94
N ASP D 90 54.54 7.34 5.89
CA ASP D 90 54.40 6.77 4.56
C ASP D 90 55.27 5.53 4.37
N THR D 91 55.93 5.05 5.42
CA THR D 91 56.75 3.86 5.34
C THR D 91 55.85 2.63 5.28
N ALA D 92 55.92 1.90 4.18
CA ALA D 92 54.96 0.82 3.94
C ALA D 92 55.41 -0.02 2.75
N VAL D 93 54.79 -1.19 2.61
CA VAL D 93 54.87 -1.98 1.39
C VAL D 93 53.74 -1.52 0.48
N TYR D 94 54.08 -1.12 -0.75
CA TYR D 94 53.12 -0.55 -1.68
C TYR D 94 52.81 -1.60 -2.74
N TYR D 95 51.53 -1.91 -2.89
CA TYR D 95 51.03 -2.93 -3.79
C TYR D 95 50.27 -2.26 -4.93
N CYS D 96 50.58 -2.69 -6.15
CA CYS D 96 49.84 -2.35 -7.35
C CYS D 96 48.68 -3.34 -7.49
N ALA D 97 47.49 -2.84 -7.79
CA ALA D 97 46.30 -3.69 -7.82
C ALA D 97 45.37 -3.27 -8.95
N THR D 98 44.57 -4.22 -9.43
CA THR D 98 43.66 -4.01 -10.55
C THR D 98 42.21 -4.17 -10.12
N ILE D 99 41.34 -3.36 -10.72
CA ILE D 99 39.90 -3.49 -10.61
C ILE D 99 39.34 -3.65 -12.02
N ALA D 100 38.55 -4.69 -12.26
CA ALA D 100 37.99 -4.91 -13.58
C ALA D 100 36.93 -3.86 -13.90
N GLY D 101 37.05 -3.25 -15.07
CA GLY D 101 36.05 -2.31 -15.53
C GLY D 101 36.35 -0.88 -15.12
N PRO D 102 35.59 0.06 -15.65
CA PRO D 102 35.75 1.47 -15.28
C PRO D 102 35.17 1.75 -13.90
N LEU D 103 35.44 2.95 -13.41
CA LEU D 103 35.10 3.35 -12.06
C LEU D 103 33.83 4.19 -12.10
N SER D 104 32.77 3.68 -11.47
CA SER D 104 31.45 4.28 -11.48
C SER D 104 31.18 4.93 -10.13
N LEU D 105 29.96 5.43 -9.97
CA LEU D 105 29.51 5.86 -8.65
C LEU D 105 29.11 4.67 -7.80
N LYS D 106 28.77 3.55 -8.44
CA LYS D 106 28.29 2.34 -7.78
C LYS D 106 28.83 1.11 -8.50
N GLY D 107 29.34 0.16 -7.72
CA GLY D 107 29.38 -1.22 -8.17
C GLY D 107 30.71 -1.87 -8.48
N ASP D 108 30.99 -2.97 -7.77
CA ASP D 108 32.02 -3.97 -8.13
C ASP D 108 33.44 -3.40 -8.10
N PHE D 109 33.76 -2.65 -7.05
CA PHE D 109 35.11 -2.11 -6.88
C PHE D 109 35.90 -2.98 -5.91
N PHE D 110 36.30 -4.15 -6.38
CA PHE D 110 37.15 -5.05 -5.62
C PHE D 110 38.41 -5.33 -6.41
N PHE D 111 39.48 -5.67 -5.69
CA PHE D 111 40.82 -5.77 -6.28
C PHE D 111 41.01 -7.16 -6.84
N ASP D 112 41.03 -7.27 -8.17
CA ASP D 112 41.04 -8.56 -8.86
C ASP D 112 42.39 -9.24 -8.78
N SER D 113 43.47 -8.50 -9.00
CA SER D 113 44.80 -9.08 -8.99
C SER D 113 45.76 -8.11 -8.32
N TRP D 114 46.83 -8.67 -7.75
CA TRP D 114 47.80 -7.90 -7.00
C TRP D 114 49.20 -8.24 -7.52
N GLY D 115 50.13 -7.32 -7.26
CA GLY D 115 51.54 -7.59 -7.42
C GLY D 115 52.16 -7.88 -6.06
N GLN D 116 53.47 -8.14 -6.08
CA GLN D 116 54.13 -8.56 -4.86
C GLN D 116 54.64 -7.39 -4.03
N GLY D 117 54.41 -6.17 -4.47
CA GLY D 117 54.69 -5.00 -3.66
C GLY D 117 56.17 -4.62 -3.64
N THR D 118 56.41 -3.38 -3.26
CA THR D 118 57.78 -2.89 -3.03
C THR D 118 57.80 -2.09 -1.73
N LEU D 119 58.92 -2.17 -1.02
CA LEU D 119 59.05 -1.55 0.28
C LEU D 119 59.57 -0.12 0.13
N VAL D 120 58.89 0.82 0.79
CA VAL D 120 59.28 2.22 0.84
C VAL D 120 59.54 2.57 2.30
N THR D 121 60.79 2.94 2.60
CA THR D 121 61.22 3.28 3.96
C THR D 121 61.55 4.77 4.00
N VAL D 122 60.81 5.52 4.82
CA VAL D 122 61.06 6.94 5.02
C VAL D 122 61.60 7.08 6.44
N SER D 123 62.89 7.43 6.56
CA SER D 123 63.55 7.49 7.85
C SER D 123 64.77 8.39 7.73
N PRO D 124 65.12 9.15 8.78
CA PRO D 124 66.31 10.00 8.73
C PRO D 124 67.59 9.26 9.05
N ALA D 125 67.61 7.95 8.89
CA ALA D 125 68.78 7.14 9.17
C ALA D 125 69.46 6.75 7.86
N SER D 126 70.79 6.67 7.92
CA SER D 126 71.61 6.33 6.78
C SER D 126 71.83 4.83 6.70
N THR D 127 72.22 4.36 5.52
CA THR D 127 72.41 2.93 5.28
C THR D 127 73.66 2.46 6.01
N LYS D 128 73.48 1.55 6.96
CA LYS D 128 74.56 1.01 7.77
C LYS D 128 74.49 -0.51 7.74
N GLY D 129 75.65 -1.14 7.56
CA GLY D 129 75.75 -2.58 7.68
C GLY D 129 75.75 -3.01 9.14
N PRO D 130 75.46 -4.28 9.39
CA PRO D 130 75.32 -4.73 10.77
C PRO D 130 76.63 -5.16 11.41
N SER D 131 76.68 -4.99 12.73
CA SER D 131 77.65 -5.68 13.57
C SER D 131 77.04 -7.02 13.98
N VAL D 132 77.81 -8.10 13.80
CA VAL D 132 77.34 -9.44 14.10
C VAL D 132 78.11 -9.95 15.30
N PHE D 133 77.41 -10.20 16.39
CA PHE D 133 77.97 -10.60 17.66
C PHE D 133 77.56 -12.02 17.99
N PRO D 134 78.42 -12.79 18.66
CA PRO D 134 78.06 -14.16 19.01
C PRO D 134 77.10 -14.20 20.20
N LEU D 135 76.41 -15.34 20.31
CA LEU D 135 75.55 -15.66 21.44
C LEU D 135 75.92 -17.09 21.79
N ALA D 136 76.90 -17.22 22.67
CA ALA D 136 77.59 -18.47 22.89
C ALA D 136 76.72 -19.45 23.68
N PRO D 137 76.79 -20.73 23.37
CA PRO D 137 76.07 -21.73 24.19
C PRO D 137 76.75 -21.88 25.54
N SER D 138 76.17 -21.23 26.55
CA SER D 138 76.73 -21.21 27.89
C SER D 138 76.38 -22.49 28.65
N SER D 139 76.80 -22.53 29.93
CA SER D 139 76.39 -23.61 30.82
C SER D 139 75.03 -23.33 31.46
N LYS D 140 74.56 -22.08 31.41
CA LYS D 140 73.18 -21.72 31.70
C LYS D 140 72.38 -21.56 30.40
N SER D 141 72.70 -22.37 29.39
CA SER D 141 71.99 -22.34 28.12
C SER D 141 71.78 -23.75 27.56
N THR D 142 71.70 -24.75 28.42
CA THR D 142 71.47 -26.14 28.00
C THR D 142 70.21 -26.65 28.67
N SER D 143 69.26 -27.13 27.86
CA SER D 143 68.00 -27.68 28.37
C SER D 143 68.01 -29.19 28.49
N GLY D 144 69.01 -29.76 29.17
CA GLY D 144 69.09 -31.21 29.29
C GLY D 144 69.46 -31.95 28.02
N GLY D 145 70.70 -31.78 27.57
CA GLY D 145 71.20 -32.37 26.35
C GLY D 145 70.98 -31.57 25.07
N THR D 146 70.07 -30.62 25.08
CA THR D 146 69.90 -29.68 23.97
C THR D 146 70.31 -28.29 24.45
N ALA D 147 71.11 -27.61 23.64
CA ALA D 147 71.59 -26.27 23.97
C ALA D 147 71.35 -25.34 22.80
N ALA D 148 71.11 -24.07 23.11
CA ALA D 148 70.82 -23.07 22.10
C ALA D 148 72.03 -22.17 21.89
N LEU D 149 72.29 -21.82 20.64
CA LEU D 149 73.34 -20.87 20.30
C LEU D 149 72.81 -19.93 19.24
N GLY D 150 73.33 -18.72 19.19
CA GLY D 150 72.81 -17.79 18.21
C GLY D 150 73.84 -16.76 17.79
N CYS D 151 73.42 -15.89 16.89
CA CYS D 151 74.17 -14.66 16.64
C CYS D 151 73.21 -13.48 16.56
N LEU D 152 73.62 -12.40 17.20
CA LEU D 152 72.86 -11.17 17.25
C LEU D 152 73.35 -10.22 16.15
N VAL D 153 72.44 -9.81 15.29
CA VAL D 153 72.71 -8.97 14.12
C VAL D 153 72.20 -7.57 14.48
N LYS D 154 73.09 -6.68 14.90
CA LYS D 154 72.71 -5.44 15.53
C LYS D 154 73.11 -4.26 14.65
N ASP D 155 72.30 -3.21 14.70
CA ASP D 155 72.60 -1.88 14.14
C ASP D 155 72.83 -1.92 12.64
N TYR D 156 71.76 -2.30 11.91
CA TYR D 156 71.76 -2.21 10.46
C TYR D 156 70.53 -1.43 9.99
N PHE D 157 70.66 -0.87 8.79
CA PHE D 157 69.59 -0.12 8.15
C PHE D 157 69.84 -0.12 6.66
N PRO D 158 68.81 -0.29 5.82
CA PRO D 158 67.45 -0.68 6.21
C PRO D 158 67.22 -2.18 6.09
N GLU D 159 65.97 -2.60 6.19
CA GLU D 159 65.63 -3.99 5.96
C GLU D 159 65.79 -4.32 4.48
N PRO D 160 66.07 -5.59 4.14
CA PRO D 160 66.24 -6.79 4.96
C PRO D 160 67.69 -7.27 5.14
N VAL D 161 67.87 -8.21 6.08
CA VAL D 161 69.05 -9.06 6.15
C VAL D 161 68.60 -10.50 6.01
N THR D 162 69.54 -11.38 5.67
CA THR D 162 69.28 -12.80 5.59
C THR D 162 70.36 -13.56 6.35
N VAL D 163 69.96 -14.49 7.22
CA VAL D 163 70.88 -15.25 8.05
C VAL D 163 70.73 -16.72 7.70
N SER D 164 71.87 -17.37 7.46
CA SER D 164 71.91 -18.82 7.24
C SER D 164 72.97 -19.42 8.14
N TRP D 165 72.74 -20.65 8.59
CA TRP D 165 73.69 -21.32 9.48
C TRP D 165 74.43 -22.40 8.72
N ASN D 166 75.76 -22.35 8.81
CA ASN D 166 76.68 -23.31 8.17
C ASN D 166 76.46 -23.38 6.66
N SER D 167 76.25 -22.21 6.04
CA SER D 167 76.02 -22.07 4.60
C SER D 167 74.80 -22.88 4.17
N GLY D 168 73.76 -22.89 5.01
CA GLY D 168 72.54 -23.61 4.72
C GLY D 168 72.56 -25.07 5.12
N ALA D 169 73.60 -25.53 5.80
CA ALA D 169 73.60 -26.93 6.23
C ALA D 169 72.72 -27.14 7.45
N LEU D 170 72.55 -26.10 8.27
CA LEU D 170 71.70 -26.16 9.47
C LEU D 170 70.40 -25.44 9.12
N THR D 171 69.35 -26.20 8.86
CA THR D 171 68.07 -25.60 8.53
C THR D 171 66.98 -25.93 9.53
N SER D 172 66.98 -27.16 10.07
CA SER D 172 65.97 -27.54 11.02
C SER D 172 66.38 -27.08 12.42
N GLY D 173 65.42 -26.54 13.16
CA GLY D 173 65.68 -26.00 14.47
C GLY D 173 66.15 -24.57 14.47
N VAL D 174 66.17 -23.91 13.32
CA VAL D 174 66.63 -22.54 13.19
C VAL D 174 65.43 -21.62 13.34
N HIS D 175 65.61 -20.54 14.10
CA HIS D 175 64.60 -19.48 14.26
C HIS D 175 65.33 -18.15 14.06
N THR D 176 65.26 -17.64 12.84
CA THR D 176 65.66 -16.27 12.55
C THR D 176 64.48 -15.35 12.85
N PHE D 177 64.68 -14.41 13.78
CA PHE D 177 63.59 -13.59 14.26
C PHE D 177 63.34 -12.43 13.31
N PRO D 178 62.12 -11.89 13.31
CA PRO D 178 61.87 -10.66 12.54
C PRO D 178 62.52 -9.45 13.21
N ALA D 179 62.85 -8.46 12.39
CA ALA D 179 63.63 -7.32 12.84
C ALA D 179 62.82 -6.42 13.76
N VAL D 180 63.53 -5.69 14.62
CA VAL D 180 62.93 -4.79 15.59
C VAL D 180 63.64 -3.45 15.49
N LEU D 181 62.86 -2.37 15.38
CA LEU D 181 63.38 -1.02 15.21
C LEU D 181 63.70 -0.41 16.56
N GLN D 182 64.96 0.01 16.74
CA GLN D 182 65.40 0.61 17.98
C GLN D 182 65.12 2.11 18.01
N SER D 183 65.45 2.76 19.13
CA SER D 183 65.31 4.20 19.24
C SER D 183 66.31 4.94 18.35
N SER D 184 67.42 4.29 18.01
CA SER D 184 68.38 4.87 17.08
C SER D 184 67.78 5.03 15.68
N GLY D 185 66.79 4.23 15.34
CA GLY D 185 66.28 4.17 13.99
C GLY D 185 66.87 3.05 13.17
N LEU D 186 67.70 2.20 13.77
CA LEU D 186 68.31 1.04 13.13
C LEU D 186 67.58 -0.23 13.55
N TYR D 187 67.93 -1.34 12.89
CA TYR D 187 67.25 -2.60 13.11
C TYR D 187 68.17 -3.57 13.85
N SER D 188 67.56 -4.42 14.66
CA SER D 188 68.27 -5.51 15.32
C SER D 188 67.50 -6.80 15.14
N LEU D 189 68.25 -7.87 14.95
CA LEU D 189 67.73 -9.20 14.66
C LEU D 189 68.53 -10.16 15.52
N SER D 190 67.93 -11.29 15.86
CA SER D 190 68.61 -12.35 16.60
C SER D 190 68.26 -13.66 15.93
N SER D 191 69.25 -14.36 15.38
CA SER D 191 68.97 -15.67 14.81
C SER D 191 69.53 -16.70 15.76
N VAL D 192 68.69 -17.62 16.20
CA VAL D 192 69.10 -18.63 17.16
C VAL D 192 68.81 -20.00 16.57
N VAL D 193 69.50 -21.01 17.11
CA VAL D 193 69.27 -22.39 16.71
C VAL D 193 69.65 -23.28 17.88
N THR D 194 68.78 -24.22 18.20
CA THR D 194 69.09 -25.24 19.19
C THR D 194 69.71 -26.45 18.50
N VAL D 195 70.57 -27.14 19.23
CA VAL D 195 71.38 -28.21 18.66
C VAL D 195 71.75 -29.09 19.85
N PRO D 196 72.11 -30.36 19.67
CA PRO D 196 72.59 -31.16 20.80
C PRO D 196 73.87 -30.63 21.42
N SER D 197 73.94 -30.72 22.75
CA SER D 197 75.10 -30.23 23.49
C SER D 197 76.31 -31.15 23.32
N SER D 198 76.12 -32.35 22.80
CA SER D 198 77.23 -33.25 22.53
C SER D 198 78.09 -32.75 21.37
N SER D 199 77.48 -32.09 20.39
CA SER D 199 78.22 -31.70 19.20
C SER D 199 78.90 -30.35 19.33
N LEU D 200 78.75 -29.68 20.49
CA LEU D 200 79.31 -28.35 20.69
C LEU D 200 80.82 -28.35 20.55
N GLY D 201 81.48 -29.31 21.19
CA GLY D 201 82.92 -29.44 21.05
C GLY D 201 83.35 -29.88 19.67
N THR D 202 82.55 -30.72 19.00
CA THR D 202 83.03 -31.36 17.78
C THR D 202 82.52 -30.75 16.48
N GLN D 203 81.51 -29.88 16.51
CA GLN D 203 80.91 -29.34 15.30
C GLN D 203 81.02 -27.82 15.33
N THR D 204 81.55 -27.25 14.25
CA THR D 204 81.62 -25.80 14.13
C THR D 204 80.27 -25.23 13.71
N TYR D 205 79.96 -24.03 14.20
CA TYR D 205 78.70 -23.35 13.90
C TYR D 205 78.99 -21.92 13.46
N ILE D 206 78.84 -21.65 12.17
CA ILE D 206 79.01 -20.31 11.62
C ILE D 206 77.64 -19.81 11.17
N CYS D 207 77.37 -18.53 11.42
CA CYS D 207 76.20 -17.88 10.85
C CYS D 207 76.66 -16.86 9.82
N ASN D 208 75.96 -16.86 8.70
CA ASN D 208 76.27 -16.03 7.54
C ASN D 208 75.15 -15.00 7.43
N VAL D 209 75.51 -13.75 7.68
CA VAL D 209 74.60 -12.62 7.60
C VAL D 209 74.87 -11.86 6.31
N ASN D 210 73.80 -11.58 5.56
CA ASN D 210 73.89 -10.88 4.29
C ASN D 210 72.97 -9.66 4.34
N HIS D 211 73.56 -8.48 4.17
CA HIS D 211 72.84 -7.21 4.09
C HIS D 211 73.14 -6.62 2.71
N LYS D 212 72.25 -6.89 1.76
CA LYS D 212 72.38 -6.41 0.38
C LYS D 212 72.27 -4.90 0.18
N PRO D 213 71.46 -4.13 0.93
CA PRO D 213 71.50 -2.67 0.76
C PRO D 213 72.82 -2.01 1.10
N SER D 214 73.69 -2.65 1.89
CA SER D 214 75.00 -2.10 2.21
C SER D 214 76.15 -2.88 1.58
N ASN D 215 75.85 -3.96 0.86
CA ASN D 215 76.82 -4.95 0.40
C ASN D 215 77.73 -5.40 1.54
N THR D 216 77.09 -5.97 2.57
CA THR D 216 77.80 -6.48 3.74
C THR D 216 77.56 -7.97 3.85
N LYS D 217 78.65 -8.74 3.89
CA LYS D 217 78.58 -10.19 4.09
C LYS D 217 79.48 -10.53 5.27
N VAL D 218 78.90 -10.98 6.37
CA VAL D 218 79.63 -11.31 7.59
C VAL D 218 79.43 -12.78 7.89
N ASP D 219 80.51 -13.49 8.17
CA ASP D 219 80.44 -14.86 8.67
C ASP D 219 81.03 -14.87 10.07
N LYS D 220 80.19 -15.10 11.08
CA LYS D 220 80.64 -15.14 12.46
C LYS D 220 80.47 -16.54 13.03
N LYS D 221 81.51 -17.03 13.68
CA LYS D 221 81.58 -18.37 14.23
C LYS D 221 81.33 -18.34 15.73
N VAL D 222 80.54 -19.30 16.22
CA VAL D 222 80.21 -19.41 17.63
C VAL D 222 80.72 -20.75 18.17
N GLU D 223 81.24 -20.71 19.38
CA GLU D 223 81.71 -21.89 20.10
C GLU D 223 81.54 -21.61 21.58
N PRO D 224 81.40 -22.65 22.42
CA PRO D 224 80.86 -22.46 23.78
C PRO D 224 81.72 -21.59 24.69
N LYS D 225 81.14 -21.32 25.86
CA LYS D 225 81.68 -20.42 26.89
C LYS D 225 83.05 -20.86 27.41
N GLU E 1 33.82 8.10 5.23
CA GLU E 1 34.67 7.14 5.93
C GLU E 1 33.86 6.35 6.96
N ILE E 2 33.56 5.09 6.62
CA ILE E 2 32.94 4.14 7.54
C ILE E 2 33.95 3.09 7.97
N VAL E 3 33.91 2.77 9.24
CA VAL E 3 34.87 1.85 9.84
C VAL E 3 34.43 0.41 9.60
N MET E 4 35.40 -0.46 9.30
CA MET E 4 35.19 -1.90 9.17
C MET E 4 35.88 -2.57 10.34
N THR E 5 35.11 -3.06 11.30
CA THR E 5 35.65 -3.79 12.44
C THR E 5 35.53 -5.28 12.21
N GLN E 6 36.65 -6.00 12.31
CA GLN E 6 36.65 -7.44 12.18
C GLN E 6 36.69 -8.09 13.55
N SER E 7 36.07 -9.27 13.66
CA SER E 7 36.01 -10.02 14.89
C SER E 7 36.12 -11.51 14.59
N PRO E 8 36.88 -12.27 15.40
CA PRO E 8 37.69 -11.80 16.54
C PRO E 8 39.05 -11.26 16.11
N ALA E 9 39.91 -10.93 17.06
CA ALA E 9 41.26 -10.48 16.72
C ALA E 9 42.08 -11.64 16.16
N THR E 10 42.23 -12.71 16.95
CA THR E 10 42.83 -13.95 16.51
C THR E 10 41.80 -15.06 16.65
N LEU E 11 41.81 -16.00 15.71
CA LEU E 11 40.89 -17.14 15.72
C LEU E 11 41.72 -18.42 15.75
N SER E 12 41.62 -19.16 16.84
CA SER E 12 42.35 -20.41 16.98
C SER E 12 41.44 -21.56 16.54
N VAL E 13 41.88 -22.33 15.55
CA VAL E 13 41.08 -23.37 14.92
C VAL E 13 42.00 -24.52 14.53
N SER E 14 41.58 -25.76 14.82
CA SER E 14 42.31 -26.95 14.45
C SER E 14 42.04 -27.29 12.99
N PRO E 15 43.01 -27.91 12.29
CA PRO E 15 42.80 -28.23 10.87
C PRO E 15 41.75 -29.33 10.69
N GLY E 16 40.85 -29.11 9.74
CA GLY E 16 39.70 -29.95 9.53
C GLY E 16 38.40 -29.36 10.03
N GLU E 17 38.47 -28.40 10.96
CA GLU E 17 37.28 -27.82 11.55
C GLU E 17 36.75 -26.66 10.70
N ARG E 18 35.73 -25.99 11.23
CA ARG E 18 35.01 -24.91 10.55
C ARG E 18 35.38 -23.59 11.19
N ALA E 19 35.60 -22.56 10.35
CA ALA E 19 36.01 -21.25 10.83
C ALA E 19 35.07 -20.18 10.29
N THR E 20 34.49 -19.39 11.19
CA THR E 20 33.62 -18.27 10.82
C THR E 20 34.23 -16.96 11.32
N LEU E 21 34.28 -15.96 10.44
CA LEU E 21 34.85 -14.65 10.73
C LEU E 21 33.79 -13.60 10.48
N SER E 22 33.77 -12.54 11.29
CA SER E 22 32.71 -11.53 11.25
C SER E 22 33.30 -10.16 10.90
N CYS E 23 32.67 -9.51 9.92
CA CYS E 23 32.95 -8.12 9.57
C CYS E 23 31.72 -7.27 9.89
N ARG E 24 31.95 -6.15 10.57
CA ARG E 24 30.90 -5.20 10.92
C ARG E 24 31.23 -3.85 10.30
N ALA E 25 30.18 -3.17 9.84
CA ALA E 25 30.32 -1.87 9.20
C ALA E 25 29.62 -0.83 10.06
N SER E 26 30.12 0.42 9.99
CA SER E 26 29.51 1.50 10.76
C SER E 26 28.12 1.86 10.23
N GLN E 27 28.00 2.02 8.91
CA GLN E 27 26.73 2.18 8.23
C GLN E 27 26.64 1.14 7.13
N SER E 28 25.46 1.01 6.53
CA SER E 28 25.16 -0.09 5.62
C SER E 28 26.02 -0.05 4.35
N VAL E 29 26.50 -1.21 3.94
CA VAL E 29 27.29 -1.32 2.71
C VAL E 29 26.65 -2.19 1.65
N SER E 30 25.45 -2.75 1.91
CA SER E 30 24.50 -3.25 0.92
C SER E 30 25.12 -4.23 -0.09
N SER E 31 25.68 -5.33 0.44
CA SER E 31 26.30 -6.41 -0.31
C SER E 31 27.54 -5.99 -1.10
N SER E 32 28.08 -4.80 -0.86
CA SER E 32 29.29 -4.34 -1.53
C SER E 32 30.52 -4.59 -0.65
N LEU E 33 30.83 -5.86 -0.42
CA LEU E 33 31.93 -6.25 0.44
C LEU E 33 32.76 -7.33 -0.22
N ALA E 34 34.06 -7.33 0.09
CA ALA E 34 35.00 -8.31 -0.42
C ALA E 34 35.89 -8.81 0.72
N TRP E 35 36.27 -10.08 0.61
CA TRP E 35 37.15 -10.76 1.54
C TRP E 35 38.42 -11.16 0.80
N TYR E 36 39.56 -10.90 1.45
CA TYR E 36 40.91 -11.17 0.95
C TYR E 36 41.66 -12.02 1.95
N GLN E 37 42.47 -12.94 1.42
CA GLN E 37 43.41 -13.75 2.18
C GLN E 37 44.83 -13.24 1.98
N GLN E 38 45.58 -13.09 3.07
CA GLN E 38 47.00 -12.75 3.00
C GLN E 38 47.73 -13.75 3.87
N LYS E 39 48.36 -14.72 3.20
CA LYS E 39 49.32 -15.59 3.83
C LYS E 39 50.59 -14.78 4.14
N PRO E 40 51.33 -15.14 5.19
CA PRO E 40 52.43 -14.29 5.65
C PRO E 40 53.57 -14.21 4.65
N GLY E 41 54.07 -12.99 4.45
CA GLY E 41 55.10 -12.72 3.48
C GLY E 41 54.65 -12.70 2.04
N GLN E 42 53.35 -12.75 1.79
CA GLN E 42 52.82 -12.78 0.42
C GLN E 42 51.89 -11.60 0.18
N ALA E 43 51.43 -11.49 -1.06
CA ALA E 43 50.47 -10.50 -1.50
C ALA E 43 49.06 -10.99 -1.22
N PRO E 44 48.11 -10.07 -0.95
CA PRO E 44 46.72 -10.49 -0.72
C PRO E 44 46.11 -11.15 -1.96
N ARG E 45 45.24 -12.12 -1.70
CA ARG E 45 44.53 -12.86 -2.74
C ARG E 45 43.04 -12.64 -2.53
N LEU E 46 42.35 -12.27 -3.61
CA LEU E 46 40.92 -12.00 -3.51
C LEU E 46 40.15 -13.30 -3.36
N LEU E 47 39.28 -13.37 -2.35
CA LEU E 47 38.53 -14.58 -2.07
C LEU E 47 37.05 -14.46 -2.43
N ILE E 48 36.32 -13.52 -1.82
CA ILE E 48 34.88 -13.43 -2.04
C ILE E 48 34.50 -11.98 -2.29
N HIS E 49 33.83 -11.73 -3.41
CA HIS E 49 33.31 -10.41 -3.73
C HIS E 49 31.79 -10.46 -3.73
N GLY E 50 31.14 -9.34 -3.41
CA GLY E 50 29.69 -9.30 -3.48
C GLY E 50 28.99 -9.92 -2.29
N ALA E 51 29.76 -10.39 -1.31
CA ALA E 51 29.40 -10.95 -0.02
C ALA E 51 28.93 -12.39 -0.19
N SER E 52 28.84 -12.93 -1.41
CA SER E 52 28.51 -14.33 -1.57
C SER E 52 29.11 -14.97 -2.82
N THR E 53 29.85 -14.21 -3.64
CA THR E 53 30.35 -14.70 -4.93
C THR E 53 31.86 -14.94 -4.85
N ARG E 54 32.26 -16.16 -5.10
CA ARG E 54 33.64 -16.60 -5.00
C ARG E 54 34.40 -16.26 -6.29
N ALA E 55 35.68 -15.90 -6.14
CA ALA E 55 36.48 -15.60 -7.32
C ALA E 55 36.87 -16.89 -8.03
N THR E 56 37.39 -16.74 -9.25
CA THR E 56 37.76 -17.90 -10.03
C THR E 56 39.00 -18.55 -9.44
N GLY E 57 38.99 -19.88 -9.35
CA GLY E 57 40.12 -20.56 -8.78
C GLY E 57 40.23 -20.50 -7.27
N ILE E 58 39.20 -20.02 -6.59
CA ILE E 58 39.16 -20.04 -5.13
C ILE E 58 38.40 -21.32 -4.76
N PRO E 59 38.99 -22.17 -3.91
CA PRO E 59 38.38 -23.46 -3.56
C PRO E 59 37.03 -23.31 -2.89
N THR E 60 36.19 -24.33 -3.10
CA THR E 60 34.79 -24.24 -2.73
C THR E 60 34.55 -24.28 -1.23
N ARG E 61 35.59 -24.54 -0.41
CA ARG E 61 35.36 -24.52 1.03
C ARG E 61 35.10 -23.11 1.55
N PHE E 62 35.61 -22.09 0.85
CA PHE E 62 35.36 -20.71 1.20
C PHE E 62 33.96 -20.29 0.79
N SER E 63 33.26 -19.60 1.69
CA SER E 63 31.91 -19.15 1.45
C SER E 63 31.70 -17.82 2.13
N GLY E 64 30.92 -16.94 1.49
CA GLY E 64 30.61 -15.64 2.04
C GLY E 64 29.12 -15.51 2.29
N SER E 65 28.77 -14.73 3.31
CA SER E 65 27.37 -14.42 3.57
C SER E 65 27.31 -13.08 4.27
N GLY E 66 26.14 -12.45 4.21
CA GLY E 66 25.93 -11.22 4.94
C GLY E 66 25.24 -10.12 4.17
N SER E 67 24.77 -9.11 4.90
CA SER E 67 24.06 -8.00 4.28
C SER E 67 24.15 -6.77 5.18
N GLY E 68 24.19 -5.61 4.53
CA GLY E 68 23.90 -4.38 5.24
C GLY E 68 25.08 -3.96 6.08
N THR E 69 25.03 -4.40 7.33
CA THR E 69 26.05 -4.16 8.34
C THR E 69 26.86 -5.41 8.65
N GLU E 70 26.24 -6.59 8.72
CA GLU E 70 26.90 -7.75 9.29
C GLU E 70 27.24 -8.76 8.20
N PHE E 71 28.49 -9.25 8.21
CA PHE E 71 28.98 -10.19 7.21
C PHE E 71 29.81 -11.28 7.87
N THR E 72 29.80 -12.48 7.29
CA THR E 72 30.59 -13.61 7.77
C THR E 72 31.26 -14.34 6.61
N LEU E 73 32.54 -14.62 6.79
CA LEU E 73 33.30 -15.52 5.91
C LEU E 73 33.48 -16.86 6.60
N THR E 74 33.19 -17.95 5.88
CA THR E 74 33.19 -19.29 6.45
C THR E 74 34.09 -20.21 5.63
N ILE E 75 35.03 -20.86 6.31
CA ILE E 75 35.83 -21.93 5.75
C ILE E 75 35.31 -23.22 6.36
N SER E 76 34.73 -24.09 5.52
CA SER E 76 33.93 -25.20 6.02
C SER E 76 34.80 -26.30 6.61
N SER E 77 35.75 -26.81 5.83
CA SER E 77 36.71 -27.79 6.30
C SER E 77 38.10 -27.20 6.08
N LEU E 78 38.74 -26.80 7.16
CA LEU E 78 39.93 -25.95 7.05
C LEU E 78 41.16 -26.81 6.81
N GLN E 79 42.01 -26.37 5.89
CA GLN E 79 43.25 -27.06 5.56
C GLN E 79 44.44 -26.22 5.99
N SER E 80 45.64 -26.82 5.90
CA SER E 80 46.84 -26.17 6.40
C SER E 80 47.23 -24.95 5.58
N GLU E 81 46.82 -24.89 4.32
CA GLU E 81 47.13 -23.73 3.49
C GLU E 81 46.29 -22.51 3.87
N ASP E 82 45.19 -22.69 4.59
CA ASP E 82 44.25 -21.62 4.89
C ASP E 82 44.61 -20.83 6.16
N PHE E 83 45.77 -21.09 6.76
CA PHE E 83 46.20 -20.33 7.93
C PHE E 83 46.83 -19.02 7.47
N ALA E 84 46.11 -17.91 7.67
CA ALA E 84 46.52 -16.62 7.12
C ALA E 84 45.80 -15.53 7.89
N VAL E 85 45.99 -14.29 7.42
CA VAL E 85 45.22 -13.15 7.91
C VAL E 85 44.15 -12.83 6.87
N TYR E 86 42.95 -12.47 7.34
CA TYR E 86 41.82 -12.24 6.44
C TYR E 86 41.28 -10.84 6.61
N TYR E 87 41.07 -10.14 5.50
CA TYR E 87 40.66 -8.74 5.49
C TYR E 87 39.33 -8.59 4.76
N CYS E 88 38.43 -7.79 5.33
CA CYS E 88 37.24 -7.36 4.63
C CYS E 88 37.38 -5.92 4.16
N GLN E 89 36.76 -5.62 3.03
CA GLN E 89 36.81 -4.32 2.38
C GLN E 89 35.43 -3.96 1.86
N GLN E 90 34.97 -2.77 2.19
CA GLN E 90 33.72 -2.25 1.64
C GLN E 90 33.99 -1.37 0.41
N TYR E 91 33.04 -1.37 -0.52
CA TYR E 91 33.15 -0.48 -1.68
C TYR E 91 31.81 0.17 -1.99
N ALA E 92 31.09 0.59 -0.95
CA ALA E 92 29.80 1.24 -1.09
C ALA E 92 29.88 2.75 -0.88
N ASN E 93 30.48 3.18 0.22
CA ASN E 93 30.68 4.61 0.51
C ASN E 93 32.16 4.91 0.33
N TRP E 94 32.49 5.60 -0.76
CA TRP E 94 33.88 5.83 -1.13
C TRP E 94 33.97 7.13 -1.92
N PRO E 95 35.13 7.83 -1.88
CA PRO E 95 36.39 7.51 -1.20
C PRO E 95 36.36 7.81 0.29
N PRO E 96 37.15 7.08 1.08
CA PRO E 96 37.95 5.92 0.65
C PRO E 96 37.22 4.58 0.75
N TRP E 97 37.69 3.59 -0.02
CA TRP E 97 37.37 2.21 0.28
C TRP E 97 38.11 1.82 1.55
N THR E 98 37.38 1.46 2.59
CA THR E 98 37.99 1.16 3.88
C THR E 98 38.10 -0.35 4.10
N PHE E 99 39.19 -0.76 4.71
CA PHE E 99 39.46 -2.16 5.04
C PHE E 99 39.18 -2.41 6.51
N GLY E 100 38.98 -3.69 6.84
CA GLY E 100 39.08 -4.10 8.22
C GLY E 100 40.52 -4.24 8.64
N GLN E 101 40.73 -4.35 9.95
CA GLN E 101 42.09 -4.41 10.47
C GLN E 101 42.64 -5.83 10.52
N GLY E 102 41.89 -6.80 10.00
CA GLY E 102 42.40 -8.13 9.82
C GLY E 102 42.02 -9.08 10.94
N THR E 103 41.90 -10.36 10.59
CA THR E 103 41.75 -11.44 11.54
C THR E 103 42.71 -12.56 11.16
N LYS E 104 43.66 -12.85 12.03
CA LYS E 104 44.59 -13.95 11.80
C LYS E 104 43.98 -15.24 12.32
N VAL E 105 43.91 -16.25 11.46
CA VAL E 105 43.50 -17.58 11.90
C VAL E 105 44.77 -18.38 12.24
N GLU E 106 44.75 -19.00 13.40
CA GLU E 106 45.91 -19.63 13.99
C GLU E 106 45.72 -21.14 14.05
N SER E 107 46.83 -21.88 13.97
CA SER E 107 46.76 -23.33 14.07
C SER E 107 46.63 -23.67 15.54
N LYS E 108 45.48 -24.22 15.93
CA LYS E 108 45.27 -24.62 17.31
C LYS E 108 46.01 -25.92 17.58
N ARG E 109 46.87 -25.89 18.60
CA ARG E 109 47.54 -27.07 19.08
C ARG E 109 47.39 -27.12 20.59
N THR E 110 47.92 -28.16 21.20
CA THR E 110 47.89 -28.23 22.64
C THR E 110 48.98 -27.35 23.26
N VAL E 111 48.78 -27.03 24.55
CA VAL E 111 49.64 -26.08 25.24
C VAL E 111 51.03 -26.66 25.41
N ALA E 112 52.05 -25.88 25.02
CA ALA E 112 53.45 -26.28 25.12
C ALA E 112 54.22 -25.25 25.94
N ALA E 113 55.11 -25.74 26.81
CA ALA E 113 55.93 -24.85 27.62
C ALA E 113 57.15 -24.39 26.84
N PRO E 114 57.61 -23.17 27.05
CA PRO E 114 58.82 -22.69 26.37
C PRO E 114 60.08 -23.22 27.04
N SER E 115 61.08 -23.52 26.20
CA SER E 115 62.43 -23.73 26.71
C SER E 115 63.10 -22.36 26.82
N VAL E 116 63.51 -21.99 28.03
CA VAL E 116 64.01 -20.65 28.31
C VAL E 116 65.52 -20.69 28.44
N PHE E 117 66.20 -19.95 27.57
CA PHE E 117 67.65 -19.77 27.59
C PHE E 117 67.97 -18.30 27.83
N ILE E 118 69.14 -18.04 28.39
CA ILE E 118 69.62 -16.68 28.58
C ILE E 118 71.03 -16.56 28.00
N PHE E 119 71.28 -15.49 27.27
CA PHE E 119 72.55 -15.23 26.62
C PHE E 119 73.11 -13.91 27.13
N PRO E 120 74.30 -13.92 27.76
CA PRO E 120 74.94 -12.69 28.19
C PRO E 120 75.58 -11.96 27.03
N PRO E 121 75.90 -10.67 27.18
CA PRO E 121 76.53 -9.94 26.07
C PRO E 121 77.93 -10.45 25.78
N SER E 122 78.27 -10.49 24.50
CA SER E 122 79.60 -10.89 24.08
C SER E 122 80.60 -9.78 24.39
N ASP E 123 81.86 -10.18 24.53
CA ASP E 123 82.92 -9.21 24.80
C ASP E 123 83.32 -8.42 23.56
N GLU E 124 83.07 -8.97 22.37
CA GLU E 124 83.24 -8.21 21.13
C GLU E 124 82.23 -7.07 21.06
N GLN E 125 81.06 -7.26 21.67
CA GLN E 125 80.10 -6.18 21.81
C GLN E 125 80.48 -5.24 22.94
N LEU E 126 81.21 -5.73 23.94
CA LEU E 126 81.67 -4.86 25.01
C LEU E 126 82.92 -4.06 24.66
N LYS E 127 83.55 -4.32 23.51
CA LYS E 127 84.55 -3.36 23.06
C LYS E 127 83.87 -2.06 22.61
N SER E 128 82.71 -2.16 21.98
CA SER E 128 81.84 -1.00 21.86
C SER E 128 81.17 -0.73 23.21
N GLY E 129 80.60 0.46 23.35
CA GLY E 129 80.08 0.83 24.64
C GLY E 129 78.64 0.41 24.93
N THR E 130 78.23 -0.77 24.44
CA THR E 130 76.86 -1.25 24.57
C THR E 130 76.89 -2.67 25.10
N ALA E 131 75.77 -3.09 25.69
CA ALA E 131 75.64 -4.45 26.22
C ALA E 131 74.18 -4.86 26.08
N SER E 132 73.94 -5.97 25.36
CA SER E 132 72.59 -6.48 25.16
C SER E 132 72.53 -7.93 25.60
N VAL E 133 71.62 -8.23 26.53
CA VAL E 133 71.39 -9.59 27.02
C VAL E 133 70.10 -10.11 26.40
N VAL E 134 70.13 -11.34 25.88
CA VAL E 134 69.00 -11.90 25.13
C VAL E 134 68.38 -13.06 25.89
N CYS E 135 67.07 -13.02 26.09
CA CYS E 135 66.32 -14.13 26.67
C CYS E 135 65.52 -14.80 25.56
N LEU E 136 65.74 -16.10 25.36
CA LEU E 136 65.10 -16.87 24.30
C LEU E 136 64.05 -17.81 24.91
N LEU E 137 62.82 -17.71 24.41
CA LEU E 137 61.72 -18.61 24.76
C LEU E 137 61.42 -19.43 23.52
N ASN E 138 61.71 -20.72 23.55
CA ASN E 138 61.69 -21.53 22.34
C ASN E 138 60.55 -22.53 22.36
N ASN E 139 59.78 -22.55 21.26
CA ASN E 139 58.83 -23.59 20.90
C ASN E 139 57.73 -23.75 21.96
N PHE E 140 56.92 -22.69 22.06
CA PHE E 140 55.79 -22.67 22.99
C PHE E 140 54.51 -22.32 22.25
N TYR E 141 53.38 -22.58 22.94
CA TYR E 141 52.02 -22.25 22.56
C TYR E 141 51.22 -22.15 23.83
N PRO E 142 50.32 -21.16 23.98
CA PRO E 142 49.96 -20.07 23.06
C PRO E 142 50.96 -18.92 23.05
N ARG E 143 50.73 -17.94 22.16
CA ARG E 143 51.68 -16.86 21.95
C ARG E 143 51.68 -15.82 23.07
N GLU E 144 50.68 -15.82 23.93
CA GLU E 144 50.63 -14.91 25.06
C GLU E 144 51.65 -15.32 26.11
N ALA E 145 52.70 -14.52 26.28
CA ALA E 145 53.74 -14.78 27.26
C ALA E 145 54.15 -13.46 27.88
N LYS E 146 54.76 -13.53 29.06
CA LYS E 146 55.26 -12.32 29.71
C LYS E 146 56.69 -12.52 30.20
N VAL E 147 57.61 -11.73 29.67
CA VAL E 147 58.99 -11.71 30.17
C VAL E 147 59.21 -10.42 30.95
N GLN E 148 60.13 -10.51 31.91
CA GLN E 148 60.49 -9.40 32.79
C GLN E 148 61.97 -9.48 33.09
N TRP E 149 62.57 -8.32 33.29
CA TRP E 149 64.01 -8.21 33.52
C TRP E 149 64.26 -7.72 34.93
N LYS E 150 65.03 -8.49 35.68
CA LYS E 150 65.42 -8.11 37.03
C LYS E 150 66.94 -7.97 37.05
N VAL E 151 67.42 -6.77 37.35
CA VAL E 151 68.85 -6.51 37.51
C VAL E 151 69.10 -6.07 38.95
N ASP E 152 69.86 -6.88 39.68
CA ASP E 152 70.08 -6.75 41.12
C ASP E 152 68.75 -6.71 41.88
N ASN E 153 67.83 -7.57 41.45
CA ASN E 153 66.45 -7.63 41.94
C ASN E 153 65.77 -6.28 41.88
N ALA E 154 65.89 -5.62 40.73
CA ALA E 154 65.15 -4.40 40.43
C ALA E 154 64.51 -4.58 39.06
N LEU E 155 63.19 -4.44 39.00
CA LEU E 155 62.49 -4.59 37.73
C LEU E 155 62.73 -3.38 36.85
N GLN E 156 62.95 -3.63 35.57
CA GLN E 156 63.24 -2.57 34.62
C GLN E 156 62.13 -2.49 33.57
N SER E 157 61.79 -1.26 33.18
CA SER E 157 60.73 -1.00 32.22
C SER E 157 61.29 -0.17 31.08
N GLY E 158 61.11 -0.65 29.85
CA GLY E 158 61.44 0.12 28.66
C GLY E 158 62.88 0.05 28.22
N ASN E 159 63.72 -0.76 28.86
CA ASN E 159 65.08 -0.99 28.41
C ASN E 159 65.20 -2.25 27.56
N SER E 160 64.08 -2.88 27.24
CA SER E 160 64.08 -4.14 26.50
C SER E 160 63.02 -4.07 25.40
N GLN E 161 63.22 -4.91 24.40
CA GLN E 161 62.29 -5.05 23.27
C GLN E 161 62.15 -6.52 22.94
N GLU E 162 60.93 -6.93 22.60
CA GLU E 162 60.62 -8.32 22.28
C GLU E 162 60.39 -8.49 20.80
N SER E 163 60.42 -9.76 20.37
CA SER E 163 60.11 -10.14 19.00
C SER E 163 59.61 -11.58 19.00
N VAL E 164 58.48 -11.82 18.34
CA VAL E 164 57.92 -13.16 18.21
C VAL E 164 58.11 -13.65 16.79
N THR E 165 58.38 -14.95 16.65
CA THR E 165 58.37 -15.55 15.34
C THR E 165 56.93 -15.84 14.92
N GLU E 166 56.73 -16.01 13.63
CA GLU E 166 55.43 -16.46 13.18
C GLU E 166 55.32 -17.97 13.39
N GLN E 167 54.10 -18.48 13.29
CA GLN E 167 53.79 -19.82 13.74
C GLN E 167 54.46 -20.87 12.85
N ASP E 168 55.02 -21.90 13.48
CA ASP E 168 55.85 -22.85 12.76
C ASP E 168 55.00 -23.78 11.91
N SER E 169 55.42 -23.98 10.66
CA SER E 169 54.73 -24.85 9.73
C SER E 169 54.70 -26.30 10.17
N LYS E 170 55.61 -26.71 11.06
CA LYS E 170 55.78 -28.11 11.42
C LYS E 170 55.07 -28.49 12.72
N ASP E 171 55.24 -27.71 13.79
CA ASP E 171 54.66 -28.07 15.08
C ASP E 171 53.77 -26.98 15.67
N SER E 172 53.43 -25.94 14.89
CA SER E 172 52.46 -24.91 15.26
C SER E 172 52.82 -24.16 16.55
N THR E 173 54.11 -24.01 16.82
CA THR E 173 54.56 -23.33 18.03
C THR E 173 55.16 -21.97 17.70
N TYR E 174 55.33 -21.16 18.74
CA TYR E 174 55.91 -19.83 18.64
C TYR E 174 57.25 -19.78 19.37
N SER E 175 58.06 -18.80 19.00
CA SER E 175 59.31 -18.52 19.69
C SER E 175 59.45 -17.01 19.87
N LEU E 176 59.96 -16.61 21.03
CA LEU E 176 60.08 -15.20 21.39
C LEU E 176 61.51 -14.91 21.83
N SER E 177 61.99 -13.72 21.52
CA SER E 177 63.28 -13.23 21.98
C SER E 177 63.07 -11.87 22.63
N SER E 178 63.70 -11.66 23.78
CA SER E 178 63.63 -10.38 24.47
C SER E 178 65.05 -9.87 24.69
N THR E 179 65.35 -8.71 24.11
CA THR E 179 66.68 -8.13 24.20
C THR E 179 66.63 -6.93 25.13
N LEU E 180 67.47 -6.96 26.17
CA LEU E 180 67.62 -5.86 27.12
C LEU E 180 68.95 -5.19 26.82
N THR E 181 68.91 -3.94 26.36
CA THR E 181 70.10 -3.22 25.91
C THR E 181 70.38 -2.02 26.81
N LEU E 182 71.59 -1.96 27.34
CA LEU E 182 72.04 -0.86 28.19
C LEU E 182 73.47 -0.49 27.84
N SER E 183 73.97 0.55 28.48
CA SER E 183 75.35 0.99 28.32
C SER E 183 76.29 0.05 29.07
N LYS E 184 77.58 0.13 28.71
CA LYS E 184 78.59 -0.68 29.39
C LYS E 184 78.77 -0.24 30.85
N ALA E 185 78.65 1.06 31.11
CA ALA E 185 78.80 1.57 32.47
C ALA E 185 77.65 1.12 33.36
N ASP E 186 76.42 1.16 32.84
CA ASP E 186 75.29 0.63 33.57
C ASP E 186 75.35 -0.89 33.68
N TYR E 187 75.98 -1.55 32.72
CA TYR E 187 76.11 -3.00 32.77
C TYR E 187 77.08 -3.44 33.87
N GLU E 188 78.23 -2.79 33.99
CA GLU E 188 79.21 -3.16 35.00
C GLU E 188 78.89 -2.59 36.39
N LYS E 189 77.83 -1.80 36.54
CA LYS E 189 77.45 -1.31 37.85
C LYS E 189 76.75 -2.36 38.69
N HIS E 190 76.16 -3.36 38.04
CA HIS E 190 75.37 -4.38 38.72
C HIS E 190 75.98 -5.75 38.47
N LYS E 191 75.51 -6.75 39.22
CA LYS E 191 76.19 -8.04 39.20
C LYS E 191 75.32 -9.21 38.77
N VAL E 192 74.03 -9.25 39.12
CA VAL E 192 73.17 -10.37 38.74
C VAL E 192 72.13 -9.90 37.72
N TYR E 193 71.89 -10.74 36.72
CA TYR E 193 70.96 -10.42 35.65
C TYR E 193 70.02 -11.61 35.47
N ALA E 194 68.71 -11.35 35.50
CA ALA E 194 67.74 -12.44 35.50
C ALA E 194 66.57 -12.12 34.58
N CYS E 195 66.13 -13.15 33.86
CA CYS E 195 64.97 -13.11 32.98
C CYS E 195 63.87 -13.98 33.57
N GLU E 196 62.71 -13.37 33.82
CA GLU E 196 61.54 -14.02 34.43
C GLU E 196 60.43 -14.20 33.40
N VAL E 197 60.01 -15.44 33.20
CA VAL E 197 59.03 -15.81 32.18
C VAL E 197 57.80 -16.39 32.87
N THR E 198 56.64 -15.83 32.54
CA THR E 198 55.34 -16.38 32.95
C THR E 198 54.57 -16.78 31.70
N HIS E 199 53.99 -17.98 31.73
CA HIS E 199 53.30 -18.59 30.60
C HIS E 199 52.35 -19.66 31.14
N GLN E 200 51.35 -20.02 30.32
CA GLN E 200 50.36 -21.02 30.72
C GLN E 200 51.00 -22.39 30.92
N GLY E 201 51.98 -22.73 30.09
CA GLY E 201 52.61 -24.04 30.18
C GLY E 201 53.52 -24.25 31.39
N LEU E 202 53.70 -23.22 32.21
CA LEU E 202 54.56 -23.30 33.39
C LEU E 202 53.68 -23.21 34.64
N SER E 203 53.94 -24.09 35.60
CA SER E 203 53.24 -24.03 36.88
C SER E 203 53.63 -22.76 37.65
N SER E 204 54.94 -22.56 37.81
CA SER E 204 55.54 -21.41 38.46
C SER E 204 56.29 -20.57 37.43
N PRO E 205 56.42 -19.26 37.66
CA PRO E 205 57.22 -18.42 36.74
C PRO E 205 58.69 -18.83 36.78
N VAL E 206 59.25 -19.06 35.58
CA VAL E 206 60.60 -19.61 35.42
C VAL E 206 61.59 -18.46 35.33
N THR E 207 62.77 -18.61 35.94
CA THR E 207 63.78 -17.56 35.93
C THR E 207 65.12 -18.15 35.53
N LYS E 208 65.81 -17.47 34.62
CA LYS E 208 67.16 -17.82 34.23
C LYS E 208 68.08 -16.64 34.51
N SER E 209 69.23 -16.91 35.13
CA SER E 209 70.07 -15.85 35.64
C SER E 209 71.53 -16.11 35.31
N PHE E 210 72.32 -15.03 35.40
CA PHE E 210 73.77 -15.12 35.32
C PHE E 210 74.41 -13.98 36.09
N ASN E 211 75.70 -14.15 36.39
CA ASN E 211 76.54 -13.13 37.01
C ASN E 211 77.57 -12.63 36.00
N ARG E 212 78.22 -11.52 36.34
CA ARG E 212 79.29 -10.98 35.52
C ARG E 212 80.59 -11.73 35.83
N GLY E 213 81.05 -12.53 34.88
CA GLY E 213 82.19 -13.40 35.08
C GLY E 213 81.77 -14.83 35.32
N GLU E 214 81.82 -15.64 34.28
CA GLU E 214 81.34 -17.02 34.35
C GLU E 214 82.43 -18.00 33.93
N ASP F 26 39.02 18.36 -4.55
CA ASP F 26 38.70 19.49 -3.67
C ASP F 26 37.76 19.03 -2.56
N SER F 27 36.77 19.85 -2.24
CA SER F 27 35.73 19.48 -1.30
C SER F 27 34.56 18.78 -1.99
N TYR F 28 34.70 18.43 -3.27
CA TYR F 28 33.69 17.69 -4.00
C TYR F 28 34.36 16.56 -4.77
N ASP F 29 33.54 15.63 -5.26
CA ASP F 29 34.00 14.33 -5.75
C ASP F 29 33.24 13.95 -7.01
N LYS F 30 33.82 14.19 -8.17
CA LYS F 30 33.22 13.76 -9.42
C LYS F 30 33.25 12.23 -9.53
N TYR F 31 32.20 11.67 -10.13
CA TYR F 31 32.14 10.25 -10.48
C TYR F 31 31.51 10.09 -11.85
N ALA F 32 31.94 9.07 -12.57
CA ALA F 32 31.25 8.68 -13.78
C ALA F 32 30.03 7.82 -13.45
N SER F 33 29.10 7.75 -14.40
CA SER F 33 27.94 6.88 -14.28
C SER F 33 28.32 5.42 -14.56
N GLN F 34 27.46 4.52 -14.10
CA GLN F 34 27.64 3.08 -14.36
C GLN F 34 26.93 2.78 -15.68
N ASN F 35 27.72 2.53 -16.72
CA ASN F 35 27.20 2.32 -18.06
C ASN F 35 27.24 0.83 -18.41
N THR F 36 26.07 0.30 -18.78
CA THR F 36 25.88 -1.12 -19.10
C THR F 36 25.26 -1.18 -20.49
N ASN F 37 25.96 -0.52 -21.41
CA ASN F 37 25.91 -0.56 -22.88
C ASN F 37 24.71 0.19 -23.43
N LYS F 38 23.67 0.37 -22.62
CA LYS F 38 22.40 1.00 -22.97
C LYS F 38 21.78 1.77 -21.81
N GLU F 39 22.13 1.42 -20.57
CA GLU F 39 21.58 2.05 -19.40
C GLU F 39 22.71 2.70 -18.63
N TYR F 40 22.62 4.01 -18.45
CA TYR F 40 23.62 4.75 -17.69
C TYR F 40 22.96 5.06 -16.35
N VAL F 41 23.65 4.75 -15.25
CA VAL F 41 23.03 4.75 -13.93
C VAL F 41 23.89 5.56 -12.96
N CYS F 42 23.23 6.50 -12.26
CA CYS F 42 23.81 7.20 -11.11
C CYS F 42 23.04 6.71 -9.88
N ASP F 43 23.67 5.85 -9.09
CA ASP F 43 23.05 5.22 -7.93
C ASP F 43 23.61 5.87 -6.67
N PHE F 44 22.76 6.56 -5.93
CA PHE F 44 23.15 7.31 -4.74
C PHE F 44 22.72 6.62 -3.45
N THR F 45 22.50 5.31 -3.50
CA THR F 45 21.87 4.59 -2.39
C THR F 45 22.77 4.58 -1.15
N ASP F 46 24.04 4.26 -1.32
CA ASP F 46 24.98 4.19 -0.21
C ASP F 46 25.86 5.43 -0.07
N GLN F 47 25.84 6.34 -1.04
CA GLN F 47 26.87 7.38 -1.12
C GLN F 47 26.52 8.68 -0.41
N LEU F 48 25.28 8.89 0.02
CA LEU F 48 24.92 10.15 0.67
C LEU F 48 24.59 10.03 2.15
N LYS F 49 24.73 8.84 2.75
CA LYS F 49 24.46 8.70 4.17
C LYS F 49 25.55 9.41 4.98
N PRO F 50 25.20 10.03 6.12
CA PRO F 50 26.20 10.78 6.90
C PRO F 50 27.21 9.84 7.53
N THR F 51 28.46 9.98 7.13
CA THR F 51 29.55 9.12 7.59
C THR F 51 30.72 9.91 8.15
N GLU F 52 30.93 11.15 7.70
CA GLU F 52 32.07 11.96 8.07
C GLU F 52 31.56 13.37 8.39
N SER F 53 32.26 14.06 9.29
CA SER F 53 31.99 15.46 9.55
C SER F 53 32.30 16.32 8.34
N GLY F 54 31.39 17.23 8.02
CA GLY F 54 31.49 18.07 6.86
C GLY F 54 30.75 17.45 5.69
N PRO F 55 29.83 18.22 5.10
CA PRO F 55 29.09 17.69 3.95
C PRO F 55 29.97 17.71 2.72
N LYS F 56 29.87 16.64 1.93
CA LYS F 56 30.70 16.47 0.76
C LYS F 56 29.82 16.33 -0.47
N VAL F 57 29.99 17.24 -1.42
CA VAL F 57 29.25 17.17 -2.66
C VAL F 57 29.78 16.00 -3.47
N LYS F 58 28.89 15.13 -3.95
CA LYS F 58 29.26 14.02 -4.81
C LYS F 58 28.48 14.21 -6.11
N LYS F 59 29.21 14.25 -7.22
CA LYS F 59 28.66 14.67 -8.50
C LYS F 59 28.83 13.53 -9.50
N CYS F 60 27.73 12.92 -9.89
CA CYS F 60 27.72 11.90 -10.93
C CYS F 60 27.54 12.60 -12.28
N GLU F 61 28.30 12.14 -13.26
CA GLU F 61 28.40 12.80 -14.56
C GLU F 61 28.01 11.81 -15.64
N VAL F 62 26.85 12.04 -16.25
CA VAL F 62 26.38 11.24 -17.38
C VAL F 62 26.77 12.01 -18.63
N LYS F 63 27.59 11.40 -19.48
CA LYS F 63 28.00 12.00 -20.74
C LYS F 63 27.49 11.12 -21.86
N VAL F 64 26.57 11.63 -22.66
CA VAL F 64 25.91 10.83 -23.69
C VAL F 64 26.33 11.37 -25.04
N ASN F 65 27.00 10.53 -25.82
CA ASN F 65 27.35 10.83 -27.20
C ASN F 65 26.81 9.78 -28.15
N GLU F 66 25.90 8.93 -27.69
CA GLU F 66 25.36 7.84 -28.48
C GLU F 66 23.84 7.85 -28.40
N PRO F 67 23.17 7.35 -29.43
CA PRO F 67 21.70 7.37 -29.43
C PRO F 67 21.09 6.36 -28.49
N LEU F 68 19.86 6.68 -28.05
CA LEU F 68 18.92 5.77 -27.39
C LEU F 68 19.43 5.26 -26.04
N ILE F 69 20.06 6.14 -25.28
CA ILE F 69 20.57 5.81 -23.95
C ILE F 69 19.46 6.00 -22.92
N LYS F 70 19.16 4.94 -22.18
CA LYS F 70 18.32 5.06 -21.00
C LYS F 70 19.15 5.58 -19.84
N VAL F 71 18.59 6.54 -19.10
CA VAL F 71 19.23 7.13 -17.93
C VAL F 71 18.38 6.82 -16.71
N LYS F 72 18.98 6.15 -15.72
CA LYS F 72 18.34 5.79 -14.46
C LYS F 72 19.07 6.48 -13.32
N ILE F 73 18.32 7.16 -12.45
CA ILE F 73 18.89 7.86 -11.31
C ILE F 73 18.16 7.40 -10.06
N ILE F 74 18.90 6.82 -9.11
CA ILE F 74 18.36 6.25 -7.88
C ILE F 74 18.77 7.13 -6.71
N CYS F 75 17.79 7.54 -5.91
CA CYS F 75 17.95 8.32 -4.70
C CYS F 75 17.33 7.58 -3.51
N PRO F 76 18.00 7.55 -2.35
CA PRO F 76 17.40 6.92 -1.18
C PRO F 76 16.24 7.75 -0.63
N LEU F 77 15.30 7.08 0.01
CA LEU F 77 14.05 7.69 0.44
C LEU F 77 14.11 8.17 1.89
N LYS F 78 13.16 9.04 2.22
CA LYS F 78 13.07 9.62 3.57
C LYS F 78 12.45 8.59 4.50
N GLY F 79 13.26 8.05 5.41
CA GLY F 79 12.81 7.01 6.30
C GLY F 79 12.83 5.61 5.71
N SER F 80 13.58 5.39 4.64
CA SER F 80 13.82 4.03 4.18
C SER F 80 14.63 3.25 5.22
N VAL F 81 15.70 3.86 5.71
CA VAL F 81 16.41 3.44 6.91
C VAL F 81 16.32 4.57 7.92
N GLU F 82 16.38 4.22 9.20
CA GLU F 82 16.11 5.17 10.27
C GLU F 82 17.19 6.25 10.35
N LYS F 83 16.75 7.51 10.50
CA LYS F 83 17.53 8.66 10.92
C LYS F 83 18.53 9.22 9.90
N LEU F 84 18.76 8.53 8.78
CA LEU F 84 19.84 8.94 7.89
C LEU F 84 19.39 9.83 6.75
N TYR F 85 18.10 9.89 6.46
CA TYR F 85 17.59 10.69 5.34
C TYR F 85 16.38 11.50 5.77
N ASP F 86 16.40 12.00 7.01
CA ASP F 86 15.26 12.73 7.55
C ASP F 86 15.12 14.13 6.98
N ASN F 87 16.11 14.62 6.23
CA ASN F 87 16.04 15.91 5.57
C ASN F 87 16.55 15.79 4.14
N ILE F 88 16.24 14.66 3.49
CA ILE F 88 16.58 14.51 2.08
C ILE F 88 15.65 15.40 1.27
N GLU F 89 16.21 16.06 0.26
CA GLU F 89 15.45 16.87 -0.67
C GLU F 89 15.84 16.47 -2.09
N TYR F 90 14.90 16.58 -3.01
CA TYR F 90 15.18 16.30 -4.41
C TYR F 90 14.70 17.47 -5.26
N VAL F 91 15.59 17.97 -6.11
CA VAL F 91 15.25 19.08 -7.00
C VAL F 91 15.63 18.67 -8.42
N PRO F 92 14.79 18.93 -9.44
CA PRO F 92 13.40 19.41 -9.41
C PRO F 92 12.45 18.35 -8.91
N LYS F 93 11.39 18.80 -8.21
CA LYS F 93 10.45 17.88 -7.60
C LYS F 93 9.69 17.07 -8.64
N LYS F 94 9.53 17.63 -9.85
CA LYS F 94 8.78 16.97 -10.90
C LYS F 94 9.71 16.25 -11.90
N SER F 95 10.91 15.90 -11.46
CA SER F 95 11.84 15.11 -12.28
C SER F 95 11.23 13.76 -12.64
N PRO F 96 11.50 13.23 -13.84
CA PRO F 96 12.39 13.78 -14.87
C PRO F 96 11.67 14.70 -15.85
N TYR F 97 10.40 14.99 -15.59
CA TYR F 97 9.65 15.88 -16.47
C TYR F 97 10.17 17.31 -16.40
N VAL F 98 10.68 17.73 -15.25
CA VAL F 98 11.29 19.04 -15.06
C VAL F 98 12.75 18.83 -14.66
N VAL F 99 13.65 19.54 -15.34
CA VAL F 99 15.08 19.46 -15.06
C VAL F 99 15.59 20.86 -14.73
N LEU F 100 16.84 20.93 -14.27
CA LEU F 100 17.50 22.19 -13.95
C LEU F 100 18.57 22.49 -14.99
N THR F 101 18.61 23.74 -15.45
CA THR F 101 19.62 24.19 -16.41
C THR F 101 20.29 25.44 -15.86
N LYS F 102 21.62 25.49 -15.98
CA LYS F 102 22.39 26.70 -15.71
C LYS F 102 22.51 27.47 -17.01
N GLU F 103 21.79 28.59 -17.11
CA GLU F 103 21.85 29.41 -18.32
C GLU F 103 22.86 30.54 -18.18
N GLU F 104 22.63 31.47 -17.25
CA GLU F 104 23.58 32.54 -16.98
C GLU F 104 23.30 33.01 -15.55
N THR F 105 24.15 32.57 -14.60
CA THR F 105 24.21 32.96 -13.18
C THR F 105 23.04 32.41 -12.37
N LYS F 106 22.00 31.90 -13.03
CA LYS F 106 20.76 31.52 -12.33
C LYS F 106 20.28 30.16 -12.81
N LEU F 107 20.10 29.23 -11.88
CA LEU F 107 19.49 27.93 -12.13
C LEU F 107 18.01 28.06 -12.43
N LYS F 108 17.61 27.67 -13.64
CA LYS F 108 16.22 27.71 -14.07
C LYS F 108 15.66 26.30 -14.23
N GLU F 109 14.40 26.12 -13.86
CA GLU F 109 13.71 24.85 -14.12
C GLU F 109 13.11 24.89 -15.52
N LYS F 110 13.37 23.83 -16.30
CA LYS F 110 12.88 23.75 -17.67
C LYS F 110 12.23 22.40 -17.93
N LEU F 111 11.25 22.41 -18.83
CA LEU F 111 10.59 21.17 -19.25
C LEU F 111 11.54 20.37 -20.13
N LEU F 112 11.68 19.07 -19.83
CA LEU F 112 12.66 18.27 -20.55
C LEU F 112 12.19 17.88 -21.94
N SER F 113 10.87 17.75 -22.15
CA SER F 113 10.37 17.40 -23.47
C SER F 113 10.42 18.58 -24.43
N LYS F 114 10.43 19.81 -23.91
CA LYS F 114 10.69 20.99 -24.73
C LYS F 114 12.17 21.17 -25.01
N LEU F 115 13.03 20.76 -24.08
CA LEU F 115 14.45 21.06 -24.18
C LEU F 115 15.17 20.10 -25.13
N ILE F 116 14.86 18.81 -25.04
CA ILE F 116 15.31 17.82 -26.01
C ILE F 116 14.06 17.29 -26.71
N TYR F 117 13.98 17.50 -28.02
CA TYR F 117 12.77 17.16 -28.76
C TYR F 117 12.67 15.66 -28.96
N GLY F 118 11.47 15.12 -28.74
CA GLY F 118 11.22 13.71 -28.92
C GLY F 118 11.58 12.83 -27.74
N LEU F 119 11.87 13.41 -26.57
CA LEU F 119 12.33 12.64 -25.44
C LEU F 119 11.14 11.93 -24.80
N LEU F 120 11.35 10.67 -24.42
CA LEU F 120 10.29 9.83 -23.90
C LEU F 120 10.50 9.56 -22.42
N ILE F 121 9.46 9.78 -21.63
CA ILE F 121 9.45 9.48 -20.21
C ILE F 121 8.27 8.55 -19.99
N SER F 122 8.56 7.31 -19.62
CA SER F 122 7.49 6.41 -19.24
C SER F 122 6.94 6.82 -17.88
N PRO F 123 5.62 6.82 -17.69
CA PRO F 123 5.05 7.28 -16.43
C PRO F 123 5.26 6.30 -15.28
N THR F 124 5.63 5.06 -15.58
CA THR F 124 5.91 4.05 -14.57
C THR F 124 7.35 3.60 -14.74
N VAL F 125 8.16 3.80 -13.71
CA VAL F 125 9.56 3.38 -13.77
C VAL F 125 9.67 1.85 -13.70
N ASN F 126 9.20 1.24 -12.63
CA ASN F 126 9.17 -0.22 -12.51
C ASN F 126 7.90 -0.67 -11.78
N GLU F 127 6.76 -0.29 -12.34
CA GLU F 127 5.39 -0.47 -11.83
C GLU F 127 5.10 0.49 -10.68
N LYS F 128 5.99 1.43 -10.42
CA LYS F 128 5.80 2.50 -9.45
C LYS F 128 5.97 3.81 -10.20
N GLU F 129 5.62 4.91 -9.55
CA GLU F 129 5.57 6.19 -10.23
C GLU F 129 6.98 6.68 -10.56
N ASN F 130 7.13 7.20 -11.78
CA ASN F 130 8.40 7.75 -12.25
C ASN F 130 8.62 9.10 -11.57
N ASN F 131 9.07 9.04 -10.33
CA ASN F 131 9.29 10.23 -9.51
C ASN F 131 10.25 9.88 -8.38
N PHE F 132 10.88 10.93 -7.83
CA PHE F 132 11.79 10.75 -6.70
C PHE F 132 11.08 10.41 -5.40
N LYS F 133 9.75 10.55 -5.32
CA LYS F 133 9.05 10.08 -4.13
C LYS F 133 9.10 8.56 -4.03
N GLU F 134 9.17 7.87 -5.17
CA GLU F 134 9.26 6.42 -5.17
C GLU F 134 10.69 5.93 -5.37
N GLY F 135 11.67 6.85 -5.35
CA GLY F 135 13.07 6.53 -5.25
C GLY F 135 13.89 6.66 -6.52
N VAL F 136 13.32 6.35 -7.68
CA VAL F 136 14.09 6.23 -8.91
C VAL F 136 13.37 6.94 -10.05
N ILE F 137 14.11 7.74 -10.81
CA ILE F 137 13.59 8.32 -12.04
C ILE F 137 14.36 7.74 -13.22
N GLU F 138 13.77 7.84 -14.41
CA GLU F 138 14.23 7.05 -15.55
C GLU F 138 13.67 7.63 -16.84
N PHE F 139 14.55 7.95 -17.80
CA PHE F 139 14.10 8.50 -19.07
C PHE F 139 14.98 8.01 -20.21
N THR F 140 14.45 7.99 -21.42
CA THR F 140 15.17 7.49 -22.59
C THR F 140 15.41 8.62 -23.59
N LEU F 141 16.69 8.80 -23.96
CA LEU F 141 17.07 9.86 -24.88
C LEU F 141 16.69 9.50 -26.33
N PRO F 142 16.41 10.49 -27.16
CA PRO F 142 15.88 10.23 -28.51
C PRO F 142 16.96 9.73 -29.46
N PRO F 143 16.59 9.28 -30.66
CA PRO F 143 17.64 8.86 -31.62
C PRO F 143 18.54 9.98 -32.09
N VAL F 144 18.06 11.23 -32.15
CA VAL F 144 18.84 12.35 -32.63
C VAL F 144 18.76 13.49 -31.62
N VAL F 145 19.91 14.00 -31.22
CA VAL F 145 19.99 15.27 -30.51
C VAL F 145 20.88 16.22 -31.32
N HIS F 146 20.34 17.40 -31.64
CA HIS F 146 21.02 18.32 -32.56
C HIS F 146 21.96 19.28 -31.87
N LYS F 147 21.63 19.74 -30.66
CA LYS F 147 22.46 20.71 -29.95
C LYS F 147 22.88 20.14 -28.60
N ALA F 148 24.08 20.53 -28.17
CA ALA F 148 24.58 20.07 -26.89
C ALA F 148 23.84 20.78 -25.75
N THR F 149 23.52 20.03 -24.72
CA THR F 149 22.72 20.55 -23.61
C THR F 149 23.14 19.87 -22.32
N VAL F 150 23.22 20.65 -21.25
CA VAL F 150 23.49 20.14 -19.91
C VAL F 150 22.27 20.40 -19.04
N PHE F 151 21.89 19.38 -18.25
CA PHE F 151 20.85 19.57 -17.26
C PHE F 151 21.17 18.76 -16.01
N TYR F 152 20.46 19.05 -14.94
CA TYR F 152 20.91 18.68 -13.60
C TYR F 152 19.78 18.12 -12.75
N PHE F 153 20.16 17.29 -11.80
CA PHE F 153 19.29 16.83 -10.73
C PHE F 153 20.04 16.92 -9.40
N ILE F 154 19.31 17.13 -8.30
CA ILE F 154 19.90 17.27 -6.98
C ILE F 154 19.23 16.30 -6.02
N CYS F 155 20.05 15.61 -5.23
CA CYS F 155 19.62 14.78 -4.09
C CYS F 155 20.40 15.29 -2.88
N ASP F 156 19.79 16.18 -2.11
CA ASP F 156 20.49 16.92 -1.06
C ASP F 156 20.16 16.29 0.28
N ASN F 157 21.12 15.51 0.81
CA ASN F 157 21.07 14.99 2.17
C ASN F 157 21.85 15.86 3.14
N SER F 158 22.39 16.99 2.69
CA SER F 158 23.33 17.77 3.50
C SER F 158 22.66 18.53 4.64
N LYS F 159 21.34 18.45 4.77
CA LYS F 159 20.66 19.01 5.93
C LYS F 159 20.30 17.94 6.96
N THR F 160 20.59 16.68 6.67
CA THR F 160 20.37 15.61 7.63
C THR F 160 21.56 15.49 8.58
N GLU F 161 21.28 15.35 9.87
CA GLU F 161 22.31 15.29 10.90
C GLU F 161 22.07 14.09 11.81
N ASP F 162 23.03 13.16 11.85
CA ASP F 162 23.00 12.06 12.80
C ASP F 162 24.37 11.96 13.48
N ASP F 163 24.35 11.98 14.82
CA ASP F 163 25.52 11.88 15.73
C ASP F 163 26.71 12.74 15.28
N ASN F 164 26.39 14.01 14.96
CA ASN F 164 27.33 15.05 14.54
C ASN F 164 27.98 14.73 13.20
N LYS F 165 27.24 14.05 12.32
CA LYS F 165 27.67 13.80 10.94
C LYS F 165 26.63 14.38 9.99
N LYS F 166 27.07 15.17 9.03
CA LYS F 166 26.18 15.73 8.04
C LYS F 166 26.14 14.83 6.80
N GLY F 167 25.04 14.93 6.05
CA GLY F 167 24.88 14.15 4.85
C GLY F 167 25.58 14.79 3.67
N ASN F 168 25.27 14.27 2.49
CA ASN F 168 25.99 14.63 1.27
C ASN F 168 25.01 15.11 0.21
N ARG F 169 25.43 16.12 -0.56
CA ARG F 169 24.66 16.60 -1.70
C ARG F 169 25.11 15.85 -2.94
N GLY F 170 24.27 14.94 -3.42
CA GLY F 170 24.49 14.36 -4.73
C GLY F 170 23.94 15.28 -5.81
N ILE F 171 24.73 15.42 -6.87
CA ILE F 171 24.34 16.18 -8.05
C ILE F 171 24.49 15.24 -9.24
N VAL F 172 23.56 15.32 -10.19
CA VAL F 172 23.66 14.62 -11.46
C VAL F 172 23.77 15.67 -12.55
N GLU F 173 24.84 15.58 -13.34
CA GLU F 173 25.04 16.45 -14.50
C GLU F 173 24.94 15.57 -15.74
N VAL F 174 23.85 15.72 -16.48
CA VAL F 174 23.68 15.04 -17.77
C VAL F 174 24.14 16.01 -18.85
N TYR F 175 25.16 15.60 -19.60
CA TYR F 175 25.76 16.38 -20.66
C TYR F 175 25.54 15.60 -21.96
N VAL F 176 24.66 16.12 -22.80
CA VAL F 176 24.32 15.50 -24.08
C VAL F 176 25.02 16.27 -25.17
N GLU F 177 25.97 15.61 -25.82
CA GLU F 177 26.62 16.10 -27.02
C GLU F 177 25.74 15.80 -28.22
N PRO F 178 25.95 16.51 -29.34
CA PRO F 178 25.29 16.10 -30.59
C PRO F 178 25.73 14.69 -30.95
N TYR F 179 24.75 13.88 -31.33
CA TYR F 179 25.00 12.48 -31.65
C TYR F 179 25.80 12.39 -32.95
N GLY F 180 27.11 12.16 -32.82
CA GLY F 180 27.91 11.84 -33.98
C GLY F 180 27.57 10.48 -34.54
N GLY F 181 27.18 9.55 -33.67
CA GLY F 181 26.71 8.24 -34.08
C GLY F 181 25.35 8.22 -34.74
N SER F 182 24.64 9.35 -34.73
CA SER F 182 23.33 9.46 -35.38
C SER F 182 23.44 9.21 -36.88
N LEU F 183 22.76 8.16 -37.33
CA LEU F 183 22.64 7.83 -38.75
C LEU F 183 21.15 7.75 -39.06
N LYS F 184 20.58 8.91 -39.40
CA LYS F 184 19.17 9.01 -39.75
C LYS F 184 18.88 8.34 -41.08
N GLU F 185 19.92 8.02 -41.85
CA GLU F 185 19.82 7.26 -43.08
C GLU F 185 19.31 5.84 -42.87
N ASN F 186 19.27 5.36 -41.63
CA ASN F 186 18.68 4.06 -41.34
C ASN F 186 17.19 4.08 -41.67
N LEU F 187 16.76 3.07 -42.42
CA LEU F 187 15.39 3.04 -42.94
C LEU F 187 14.33 2.93 -41.86
N TYR F 188 14.68 2.44 -40.66
CA TYR F 188 13.73 2.31 -39.57
C TYR F 188 13.56 3.60 -38.77
N PHE F 189 14.30 4.66 -39.11
CA PHE F 189 14.18 5.95 -38.45
C PHE F 189 13.82 7.08 -39.40
N GLN F 190 13.26 6.76 -40.56
CA GLN F 190 12.95 7.78 -41.54
C GLN F 190 11.45 8.11 -41.61
N GLY F 191 10.62 7.40 -40.85
CA GLY F 191 9.20 7.70 -40.86
C GLY F 191 8.52 7.24 -42.15
N TRP F 192 7.29 7.71 -42.31
CA TRP F 192 6.51 7.41 -43.51
C TRP F 192 6.63 8.57 -44.51
N SER F 193 7.83 8.70 -45.08
CA SER F 193 8.11 9.83 -45.96
C SER F 193 9.16 9.45 -47.00
N HIS F 194 8.94 9.93 -48.23
CA HIS F 194 9.89 10.01 -49.34
C HIS F 194 10.51 8.67 -49.75
N PRO F 195 9.76 7.75 -50.37
CA PRO F 195 10.46 6.61 -50.97
C PRO F 195 10.64 6.76 -52.48
#